data_2L1O
#
_entry.id   2L1O
#
loop_
_entity.id
_entity.type
_entity.pdbx_description
1 polymer 'Transcriptional regulator SUPERMAN'
2 non-polymer 'CADMIUM ION'
#
_entity_poly.entity_id   1
_entity_poly.type   'polypeptide(L)'
_entity_poly.pdbx_seq_one_letter_code
;(ACE)WPPRSYTCSFCKREFRSAQALGGHMNVHRRDRARLRL(NH2)
;
_entity_poly.pdbx_strand_id   A
#
# COMPACT_ATOMS: atom_id res chain seq x y z
N TRP A 2 -3.52 10.64 5.46
CA TRP A 2 -2.69 9.86 6.36
C TRP A 2 -3.25 10.00 7.77
N PRO A 3 -4.19 9.12 8.15
CA PRO A 3 -4.78 9.09 9.51
C PRO A 3 -3.79 8.70 10.64
N PRO A 4 -4.15 8.87 11.92
CA PRO A 4 -3.26 8.47 13.04
C PRO A 4 -3.06 6.95 13.20
N ARG A 5 -4.16 6.21 13.27
CA ARG A 5 -4.15 4.74 13.53
C ARG A 5 -4.07 3.88 12.26
N SER A 6 -3.55 4.49 11.19
CA SER A 6 -3.57 3.96 9.81
C SER A 6 -2.93 4.95 8.82
N TYR A 7 -2.27 4.37 7.82
CA TYR A 7 -1.41 5.13 6.88
C TYR A 7 -1.62 4.59 5.45
N THR A 8 -1.18 5.38 4.48
CA THR A 8 -1.38 5.14 3.02
C THR A 8 -0.02 4.84 2.36
N CYS A 9 0.00 4.12 1.22
CA CYS A 9 1.27 3.78 0.58
C CYS A 9 1.51 4.77 -0.56
N SER A 10 0.49 5.58 -0.90
CA SER A 10 0.37 6.50 -2.06
C SER A 10 0.13 5.75 -3.38
N PHE A 11 1.04 4.83 -3.66
CA PHE A 11 0.99 3.93 -4.84
C PHE A 11 -0.23 2.99 -4.88
N CYS A 12 -0.73 2.53 -3.72
CA CYS A 12 -1.95 1.75 -3.72
C CYS A 12 -3.03 2.57 -3.01
N LYS A 13 -2.79 3.84 -2.68
CA LYS A 13 -3.67 4.67 -1.83
C LYS A 13 -4.52 3.94 -0.74
N ARG A 14 -4.00 2.80 -0.31
CA ARG A 14 -4.67 1.89 0.63
C ARG A 14 -4.18 2.19 2.05
N GLU A 15 -5.18 2.31 2.90
CA GLU A 15 -4.99 2.50 4.36
C GLU A 15 -4.70 1.18 5.09
N PHE A 16 -3.55 1.19 5.74
CA PHE A 16 -3.01 0.06 6.54
C PHE A 16 -2.80 0.49 8.02
N ARG A 17 -2.79 -0.52 8.88
CA ARG A 17 -2.62 -0.32 10.35
C ARG A 17 -1.22 -0.66 10.87
N SER A 18 -0.23 -0.27 10.09
CA SER A 18 1.20 -0.59 10.35
C SER A 18 2.08 0.62 10.05
N ALA A 19 3.39 0.49 10.28
CA ALA A 19 4.36 1.52 9.83
C ALA A 19 5.46 0.91 8.94
N GLN A 20 6.26 0.03 9.54
CA GLN A 20 7.35 -0.69 8.85
C GLN A 20 6.85 -1.59 7.71
N ALA A 21 5.70 -2.22 7.91
CA ALA A 21 5.00 -2.97 6.84
C ALA A 21 4.70 -2.09 5.61
N LEU A 22 4.29 -0.84 5.80
CA LEU A 22 4.07 0.11 4.68
C LEU A 22 5.36 0.54 3.96
N GLY A 23 6.39 0.89 4.74
CA GLY A 23 7.73 1.23 4.19
C GLY A 23 8.24 0.12 3.25
N GLY A 24 8.21 -1.11 3.79
CA GLY A 24 8.52 -2.33 3.04
C GLY A 24 7.54 -2.60 1.88
N HIS A 25 6.26 -2.33 2.10
CA HIS A 25 5.21 -2.66 1.16
C HIS A 25 5.29 -1.73 -0.05
N MET A 26 5.66 -0.47 0.20
CA MET A 26 5.94 0.55 -0.82
C MET A 26 7.15 0.18 -1.68
N ASN A 27 8.20 -0.33 -1.04
CA ASN A 27 9.40 -0.83 -1.74
C ASN A 27 9.12 -2.07 -2.62
N VAL A 28 8.17 -2.91 -2.20
CA VAL A 28 7.71 -4.06 -3.02
C VAL A 28 6.94 -3.66 -4.30
N HIS A 29 6.52 -2.39 -4.39
CA HIS A 29 5.81 -1.89 -5.56
C HIS A 29 6.69 -2.04 -6.80
N ARG A 30 6.13 -2.60 -7.87
CA ARG A 30 6.80 -2.73 -9.20
C ARG A 30 5.86 -3.38 -10.21
N ARG A 31 5.20 -2.52 -10.97
CA ARG A 31 4.18 -2.90 -11.97
C ARG A 31 2.99 -3.65 -11.33
N ASP A 32 1.94 -3.83 -12.13
CA ASP A 32 0.81 -4.71 -11.75
C ASP A 32 1.15 -6.20 -11.87
N ARG A 33 1.50 -6.64 -13.10
CA ARG A 33 1.90 -8.02 -13.47
C ARG A 33 1.06 -9.17 -12.85
N ALA A 34 -0.22 -8.87 -12.66
CA ALA A 34 -1.18 -9.71 -11.93
C ALA A 34 -2.61 -9.28 -12.34
N ARG A 35 -3.60 -9.89 -11.70
CA ARG A 35 -5.04 -9.60 -11.91
C ARG A 35 -5.37 -8.18 -11.38
N LEU A 36 -6.56 -8.02 -10.78
CA LEU A 36 -7.10 -6.76 -10.19
C LEU A 36 -7.44 -5.76 -11.32
N ARG A 37 -8.70 -5.37 -11.33
CA ARG A 37 -9.29 -4.52 -12.39
C ARG A 37 -8.56 -3.17 -12.57
N LEU A 38 -8.27 -2.51 -11.45
CA LEU A 38 -7.40 -1.30 -11.42
C LEU A 38 -6.26 -1.43 -10.40
N TRP A 2 -2.28 11.45 4.28
CA TRP A 2 -2.16 10.21 5.05
C TRP A 2 -2.15 10.58 6.53
N PRO A 3 -2.80 9.73 7.35
CA PRO A 3 -2.85 9.88 8.82
C PRO A 3 -1.48 9.61 9.50
N PRO A 4 -1.27 10.12 10.72
CA PRO A 4 -0.05 9.84 11.51
C PRO A 4 0.09 8.36 11.93
N ARG A 5 -1.03 7.72 12.25
CA ARG A 5 -1.09 6.29 12.60
C ARG A 5 -1.29 5.45 11.33
N SER A 6 -0.45 4.43 11.18
CA SER A 6 -0.39 3.54 9.99
C SER A 6 -0.11 4.30 8.67
N TYR A 7 0.54 3.61 7.75
CA TYR A 7 0.76 4.15 6.40
C TYR A 7 0.29 3.23 5.27
N THR A 8 -0.20 3.88 4.22
CA THR A 8 -0.64 3.24 2.97
C THR A 8 0.57 2.76 2.15
N CYS A 9 0.32 1.87 1.19
CA CYS A 9 1.36 1.33 0.34
C CYS A 9 1.26 2.02 -1.02
N SER A 10 0.27 2.90 -1.20
CA SER A 10 -0.20 3.54 -2.46
C SER A 10 -0.87 2.55 -3.43
N PHE A 11 -0.15 1.48 -3.74
CA PHE A 11 -0.61 0.40 -4.63
C PHE A 11 -1.79 -0.42 -4.09
N CYS A 12 -1.77 -0.82 -2.80
CA CYS A 12 -2.93 -1.48 -2.23
C CYS A 12 -3.61 -0.51 -1.26
N LYS A 13 -3.19 0.75 -1.23
CA LYS A 13 -3.59 1.79 -0.23
C LYS A 13 -3.85 1.29 1.21
N ARG A 14 -3.27 0.14 1.55
CA ARG A 14 -3.50 -0.55 2.82
C ARG A 14 -2.63 0.08 3.91
N GLU A 15 -3.31 0.32 5.03
CA GLU A 15 -2.71 0.90 6.25
C GLU A 15 -1.93 -0.15 7.05
N PHE A 16 -0.62 0.04 7.06
CA PHE A 16 0.32 -0.80 7.82
C PHE A 16 0.92 -0.03 9.00
N ARG A 17 0.92 -0.71 10.15
CA ARG A 17 1.57 -0.21 11.39
C ARG A 17 3.06 -0.59 11.39
N SER A 18 3.69 -0.37 10.24
CA SER A 18 5.08 -0.78 9.93
C SER A 18 5.78 0.17 8.96
N ALA A 19 7.11 0.09 8.97
CA ALA A 19 7.98 0.88 8.08
C ALA A 19 8.78 -0.03 7.12
N GLN A 20 9.72 -0.80 7.66
CA GLN A 20 10.49 -1.80 6.90
C GLN A 20 9.61 -2.81 6.14
N ALA A 21 8.65 -3.36 6.87
CA ALA A 21 7.63 -4.28 6.32
C ALA A 21 6.74 -3.66 5.25
N LEU A 22 6.55 -2.34 5.29
CA LEU A 22 5.69 -1.59 4.35
C LEU A 22 6.46 -1.28 3.05
N GLY A 23 7.67 -0.69 3.18
CA GLY A 23 8.55 -0.38 2.04
C GLY A 23 8.89 -1.64 1.21
N GLY A 24 9.26 -2.70 1.93
CA GLY A 24 9.46 -4.04 1.33
C GLY A 24 8.19 -4.61 0.69
N HIS A 25 7.03 -4.35 1.32
CA HIS A 25 5.76 -4.91 0.91
C HIS A 25 5.30 -4.24 -0.39
N MET A 26 5.60 -2.94 -0.50
CA MET A 26 5.44 -2.11 -1.71
C MET A 26 6.28 -2.63 -2.89
N ASN A 27 7.52 -3.02 -2.60
CA ASN A 27 8.43 -3.62 -3.59
C ASN A 27 7.95 -5.00 -4.08
N VAL A 28 7.35 -5.78 -3.19
CA VAL A 28 6.75 -7.09 -3.53
C VAL A 28 5.52 -7.02 -4.47
N HIS A 29 4.96 -5.81 -4.67
CA HIS A 29 3.86 -5.60 -5.58
C HIS A 29 4.26 -6.07 -6.98
N ARG A 30 3.29 -6.60 -7.73
CA ARG A 30 3.45 -7.04 -9.13
C ARG A 30 2.12 -7.45 -9.78
N ARG A 31 1.50 -6.48 -10.45
CA ARG A 31 0.27 -6.72 -11.23
C ARG A 31 0.33 -6.11 -12.63
N ASP A 32 -0.29 -6.84 -13.55
CA ASP A 32 -0.58 -6.37 -14.92
C ASP A 32 -1.99 -5.74 -14.98
N ARG A 33 -2.33 -5.17 -16.13
CA ARG A 33 -3.61 -4.46 -16.39
C ARG A 33 -3.96 -3.47 -15.25
N ALA A 34 -5.25 -3.17 -15.06
CA ALA A 34 -5.80 -2.31 -13.99
C ALA A 34 -5.25 -0.88 -13.94
N ARG A 35 -6.17 0.07 -13.79
CA ARG A 35 -5.85 1.50 -13.75
C ARG A 35 -6.75 2.26 -12.77
N LEU A 36 -6.24 2.31 -11.54
CA LEU A 36 -6.89 2.90 -10.34
C LEU A 36 -8.16 2.13 -9.92
N ARG A 37 -8.37 2.05 -8.62
CA ARG A 37 -9.55 1.39 -8.06
C ARG A 37 -10.76 2.33 -7.90
N LEU A 38 -11.71 2.13 -8.81
CA LEU A 38 -12.99 2.90 -8.85
C LEU A 38 -14.18 2.12 -9.45
N TRP A 2 3.55 10.11 13.40
CA TRP A 2 2.80 9.02 12.80
C TRP A 2 1.86 8.45 13.85
N PRO A 3 0.60 8.91 13.87
CA PRO A 3 -0.44 8.41 14.79
C PRO A 3 -0.81 6.94 14.52
N PRO A 4 -1.17 6.16 15.56
CA PRO A 4 -1.63 4.78 15.41
C PRO A 4 -3.08 4.70 14.89
N ARG A 5 -3.21 5.05 13.61
CA ARG A 5 -4.48 5.09 12.86
C ARG A 5 -4.28 4.64 11.41
N SER A 6 -5.36 4.71 10.62
CA SER A 6 -5.32 4.46 9.16
C SER A 6 -4.40 5.42 8.41
N TYR A 7 -3.81 4.88 7.36
CA TYR A 7 -2.86 5.57 6.48
C TYR A 7 -3.15 5.39 4.98
N THR A 8 -2.65 6.35 4.21
CA THR A 8 -2.83 6.45 2.74
C THR A 8 -1.49 6.13 2.03
N CYS A 9 -1.54 5.70 0.77
CA CYS A 9 -0.35 5.32 0.02
C CYS A 9 0.02 6.50 -0.90
N SER A 10 -0.86 7.50 -0.99
CA SER A 10 -0.87 8.66 -1.92
C SER A 10 -1.27 8.26 -3.36
N PHE A 11 -0.57 7.25 -3.86
CA PHE A 11 -0.76 6.69 -5.21
C PHE A 11 -2.09 5.93 -5.41
N CYS A 12 -2.51 5.07 -4.47
CA CYS A 12 -3.83 4.48 -4.56
C CYS A 12 -4.79 5.31 -3.71
N LYS A 13 -4.35 6.41 -3.09
CA LYS A 13 -5.16 7.20 -2.12
C LYS A 13 -6.13 6.42 -1.19
N ARG A 14 -5.82 5.14 -0.99
CA ARG A 14 -6.62 4.20 -0.20
C ARG A 14 -6.06 4.09 1.22
N GLU A 15 -7.02 4.25 2.11
CA GLU A 15 -6.86 4.07 3.56
C GLU A 15 -6.65 2.58 3.93
N PHE A 16 -5.54 2.36 4.60
CA PHE A 16 -5.13 1.05 5.14
C PHE A 16 -4.94 1.15 6.66
N ARG A 17 -4.84 -0.02 7.28
CA ARG A 17 -4.69 -0.17 8.75
C ARG A 17 -3.28 -0.60 9.22
N SER A 18 -2.28 -0.19 8.46
CA SER A 18 -0.89 -0.64 8.65
C SER A 18 0.11 0.52 8.46
N ALA A 19 1.40 0.22 8.63
CA ALA A 19 2.49 1.15 8.32
C ALA A 19 3.51 0.55 7.33
N GLN A 20 4.22 -0.49 7.77
CA GLN A 20 5.23 -1.18 6.94
C GLN A 20 4.62 -1.78 5.65
N ALA A 21 3.42 -2.35 5.78
CA ALA A 21 2.64 -2.83 4.63
C ALA A 21 2.42 -1.75 3.57
N LEU A 22 2.19 -0.50 3.98
CA LEU A 22 2.03 0.65 3.06
C LEU A 22 3.33 1.13 2.42
N GLY A 23 4.41 1.23 3.21
CA GLY A 23 5.75 1.55 2.69
C GLY A 23 6.13 0.59 1.55
N GLY A 24 5.97 -0.70 1.84
CA GLY A 24 6.13 -1.79 0.84
C GLY A 24 5.10 -1.72 -0.30
N HIS A 25 3.85 -1.38 0.04
CA HIS A 25 2.75 -1.43 -0.91
C HIS A 25 2.89 -0.28 -1.91
N MET A 26 3.41 0.86 -1.45
CA MET A 26 3.77 2.04 -2.26
C MET A 26 4.90 1.73 -3.25
N ASN A 27 5.89 0.98 -2.78
CA ASN A 27 7.00 0.49 -3.62
C ASN A 27 6.53 -0.50 -4.71
N VAL A 28 5.50 -1.31 -4.40
CA VAL A 28 4.90 -2.22 -5.40
C VAL A 28 4.10 -1.50 -6.51
N HIS A 29 3.89 -0.18 -6.37
CA HIS A 29 3.21 0.61 -7.39
C HIS A 29 4.02 0.59 -8.68
N ARG A 30 3.46 1.24 -9.71
CA ARG A 30 4.06 1.38 -11.05
C ARG A 30 4.14 0.03 -11.78
N ARG A 31 3.14 -0.18 -12.62
CA ARG A 31 2.90 -1.42 -13.39
C ARG A 31 2.76 -2.68 -12.51
N ASP A 32 1.52 -2.87 -12.07
CA ASP A 32 1.12 -3.98 -11.17
C ASP A 32 1.61 -5.37 -11.61
N ARG A 33 1.42 -5.69 -12.89
CA ARG A 33 1.83 -6.96 -13.54
C ARG A 33 1.25 -8.23 -12.87
N ALA A 34 1.84 -8.62 -11.75
CA ALA A 34 1.36 -9.70 -10.88
C ALA A 34 1.37 -9.22 -9.42
N ARG A 35 0.39 -8.36 -9.12
CA ARG A 35 0.25 -7.76 -7.78
C ARG A 35 -0.54 -8.71 -6.88
N LEU A 36 0.23 -9.67 -6.36
CA LEU A 36 -0.21 -10.81 -5.53
C LEU A 36 -1.09 -11.79 -6.31
N ARG A 37 -0.48 -12.93 -6.61
CA ARG A 37 -1.11 -14.01 -7.41
C ARG A 37 -1.19 -15.28 -6.55
N LEU A 38 -2.31 -15.99 -6.66
CA LEU A 38 -2.58 -17.28 -5.97
C LEU A 38 -2.42 -17.22 -4.44
N TRP A 2 0.29 12.33 10.58
CA TRP A 2 -0.37 11.21 9.93
C TRP A 2 -1.45 10.68 10.90
N PRO A 3 -2.67 10.44 10.37
CA PRO A 3 -3.79 9.91 11.17
C PRO A 3 -3.48 8.51 11.71
N PRO A 4 -4.07 8.09 12.85
CA PRO A 4 -3.86 6.73 13.38
C PRO A 4 -4.60 5.65 12.55
N ARG A 5 -4.81 4.49 13.15
CA ARG A 5 -5.54 3.32 12.59
C ARG A 5 -4.77 2.71 11.40
N SER A 6 -5.49 2.10 10.45
CA SER A 6 -4.92 1.56 9.20
C SER A 6 -4.40 2.67 8.26
N TYR A 7 -3.30 2.35 7.58
CA TYR A 7 -2.62 3.32 6.69
C TYR A 7 -2.58 2.88 5.22
N THR A 8 -2.56 3.88 4.35
CA THR A 8 -2.48 3.71 2.89
C THR A 8 -1.06 3.32 2.44
N CYS A 9 -0.95 2.77 1.24
CA CYS A 9 0.33 2.35 0.68
C CYS A 9 0.77 3.39 -0.35
N SER A 10 -0.08 4.39 -0.62
CA SER A 10 -0.02 5.41 -1.71
C SER A 10 -0.29 4.81 -3.09
N PHE A 11 0.50 3.78 -3.43
CA PHE A 11 0.41 3.05 -4.71
C PHE A 11 -0.92 2.31 -4.93
N CYS A 12 -1.50 1.72 -3.86
CA CYS A 12 -2.82 1.13 -4.01
C CYS A 12 -3.79 1.87 -3.08
N LYS A 13 -3.37 3.03 -2.52
CA LYS A 13 -4.08 3.75 -1.44
C LYS A 13 -4.85 2.89 -0.42
N ARG A 14 -4.39 1.64 -0.28
CA ARG A 14 -5.12 0.61 0.47
C ARG A 14 -4.66 0.56 1.93
N GLU A 15 -5.69 0.66 2.77
CA GLU A 15 -5.58 0.72 4.23
C GLU A 15 -5.15 -0.63 4.85
N PHE A 16 -3.94 -0.60 5.39
CA PHE A 16 -3.33 -1.72 6.12
C PHE A 16 -3.20 -1.46 7.62
N ARG A 17 -3.64 -2.45 8.39
CA ARG A 17 -3.44 -2.49 9.86
C ARG A 17 -2.05 -3.07 10.24
N SER A 18 -1.06 -2.67 9.46
CA SER A 18 0.31 -3.25 9.53
C SER A 18 1.37 -2.16 9.45
N ALA A 19 2.39 -2.29 10.28
CA ALA A 19 3.61 -1.46 10.17
C ALA A 19 4.53 -2.00 9.05
N GLN A 20 5.27 -3.07 9.36
CA GLN A 20 6.18 -3.73 8.40
C GLN A 20 5.48 -4.32 7.15
N ALA A 21 4.37 -5.02 7.36
CA ALA A 21 3.57 -5.58 6.24
C ALA A 21 2.85 -4.52 5.37
N LEU A 22 3.02 -3.25 5.71
CA LEU A 22 2.64 -2.11 4.83
C LEU A 22 3.90 -1.57 4.13
N GLY A 23 4.94 -1.21 4.89
CA GLY A 23 6.22 -0.72 4.34
C GLY A 23 6.84 -1.70 3.33
N GLY A 24 6.88 -2.97 3.75
CA GLY A 24 7.28 -4.11 2.90
C GLY A 24 6.32 -4.32 1.71
N HIS A 25 5.02 -4.12 1.94
CA HIS A 25 4.03 -4.33 0.90
C HIS A 25 4.16 -3.25 -0.17
N MET A 26 4.51 -2.04 0.28
CA MET A 26 4.86 -0.87 -0.57
C MET A 26 6.11 -1.14 -1.42
N ASN A 27 7.12 -1.73 -0.79
CA ASN A 27 8.37 -2.15 -1.47
C ASN A 27 8.17 -3.27 -2.51
N VAL A 28 7.20 -4.17 -2.27
CA VAL A 28 6.83 -5.21 -3.25
C VAL A 28 6.15 -4.66 -4.53
N HIS A 29 5.76 -3.38 -4.51
CA HIS A 29 5.16 -2.75 -5.67
C HIS A 29 6.16 -2.77 -6.83
N ARG A 30 5.76 -3.40 -7.94
CA ARG A 30 6.57 -3.46 -9.19
C ARG A 30 5.85 -4.09 -10.40
N ARG A 31 4.66 -3.56 -10.69
CA ARG A 31 3.74 -4.10 -11.72
C ARG A 31 3.49 -5.60 -11.53
N ASP A 32 2.58 -5.91 -10.61
CA ASP A 32 2.25 -7.30 -10.27
C ASP A 32 1.36 -7.95 -11.36
N ARG A 33 0.21 -7.34 -11.60
CA ARG A 33 -0.70 -7.73 -12.69
C ARG A 33 -0.83 -6.67 -13.82
N ALA A 34 -0.72 -5.41 -13.43
CA ALA A 34 -0.77 -4.23 -14.32
C ALA A 34 0.04 -3.07 -13.71
N ARG A 35 0.54 -2.24 -14.62
CA ARG A 35 1.29 -1.00 -14.30
C ARG A 35 0.31 0.08 -13.80
N LEU A 36 0.35 0.32 -12.50
CA LEU A 36 -0.51 1.29 -11.78
C LEU A 36 -2.02 0.94 -11.85
N ARG A 37 -2.59 0.73 -10.67
CA ARG A 37 -4.00 0.29 -10.53
C ARG A 37 -4.50 0.57 -9.11
N LEU A 38 -5.14 1.73 -8.96
CA LEU A 38 -5.75 2.14 -7.67
C LEU A 38 -7.03 1.35 -7.28
N TRP A 2 6.86 7.72 12.80
CA TRP A 2 5.51 7.44 12.35
C TRP A 2 4.87 6.47 13.36
N PRO A 3 3.57 6.65 13.64
CA PRO A 3 2.81 5.80 14.57
C PRO A 3 2.60 4.37 14.05
N PRO A 4 2.49 3.37 14.94
CA PRO A 4 2.19 1.97 14.56
C PRO A 4 0.80 1.73 13.96
N ARG A 5 -0.06 2.75 14.01
CA ARG A 5 -1.42 2.73 13.42
C ARG A 5 -1.37 2.45 11.89
N SER A 6 -2.55 2.42 11.27
CA SER A 6 -2.70 2.09 9.83
C SER A 6 -1.80 2.94 8.92
N TYR A 7 -1.10 2.24 8.04
CA TYR A 7 -0.12 2.83 7.12
C TYR A 7 -0.56 2.78 5.64
N THR A 8 -0.01 3.71 4.89
CA THR A 8 -0.34 3.96 3.46
C THR A 8 0.68 3.24 2.55
N CYS A 9 0.28 2.91 1.32
CA CYS A 9 1.15 2.21 0.39
C CYS A 9 1.68 3.22 -0.62
N SER A 10 1.08 4.41 -0.67
CA SER A 10 1.26 5.52 -1.66
C SER A 10 0.60 5.22 -3.01
N PHE A 11 0.96 4.07 -3.56
CA PHE A 11 0.43 3.53 -4.83
C PHE A 11 -1.08 3.26 -4.84
N CYS A 12 -1.67 2.79 -3.72
CA CYS A 12 -3.10 2.68 -3.66
C CYS A 12 -3.61 3.60 -2.54
N LYS A 13 -2.78 4.51 -2.03
CA LYS A 13 -3.06 5.31 -0.81
C LYS A 13 -3.95 4.68 0.29
N ARG A 14 -3.99 3.34 0.31
CA ARG A 14 -4.79 2.54 1.23
C ARG A 14 -4.07 2.29 2.55
N GLU A 15 -4.89 2.36 3.58
CA GLU A 15 -4.50 2.18 4.98
C GLU A 15 -4.57 0.71 5.38
N PHE A 16 -3.39 0.20 5.70
CA PHE A 16 -3.19 -1.20 6.14
C PHE A 16 -2.82 -1.22 7.62
N ARG A 17 -3.50 -2.11 8.32
CA ARG A 17 -3.25 -2.43 9.73
C ARG A 17 -2.14 -3.49 9.83
N SER A 18 -1.06 -3.22 9.10
CA SER A 18 0.04 -4.17 8.85
C SER A 18 1.36 -3.48 8.52
N ALA A 19 2.44 -4.22 8.72
CA ALA A 19 3.81 -3.77 8.42
C ALA A 19 4.46 -4.62 7.31
N GLN A 20 4.77 -5.88 7.62
CA GLN A 20 5.34 -6.85 6.67
C GLN A 20 4.42 -7.06 5.44
N ALA A 21 3.15 -7.38 5.72
CA ALA A 21 2.10 -7.50 4.68
C ALA A 21 1.96 -6.26 3.78
N LEU A 22 2.25 -5.07 4.32
CA LEU A 22 2.19 -3.80 3.57
C LEU A 22 3.47 -3.57 2.74
N GLY A 23 4.64 -3.70 3.37
CA GLY A 23 5.95 -3.58 2.69
C GLY A 23 6.04 -4.50 1.47
N GLY A 24 5.60 -5.76 1.70
CA GLY A 24 5.41 -6.74 0.63
C GLY A 24 4.33 -6.33 -0.38
N HIS A 25 3.25 -5.70 0.11
CA HIS A 25 2.09 -5.41 -0.71
C HIS A 25 2.42 -4.30 -1.70
N MET A 26 3.24 -3.35 -1.24
CA MET A 26 3.83 -2.24 -2.04
C MET A 26 4.73 -2.78 -3.17
N ASN A 27 5.54 -3.78 -2.84
CA ASN A 27 6.41 -4.45 -3.82
C ASN A 27 5.62 -5.23 -4.88
N VAL A 28 4.47 -5.80 -4.49
CA VAL A 28 3.56 -6.49 -5.44
C VAL A 28 2.97 -5.56 -6.52
N HIS A 29 3.04 -4.24 -6.31
CA HIS A 29 2.55 -3.27 -7.28
C HIS A 29 3.29 -3.44 -8.61
N ARG A 30 4.60 -3.21 -8.59
CA ARG A 30 5.50 -3.39 -9.75
C ARG A 30 4.94 -2.77 -11.06
N ARG A 31 4.94 -1.43 -11.08
CA ARG A 31 4.31 -0.58 -12.11
C ARG A 31 2.88 -0.97 -12.50
N ASP A 32 1.96 -0.63 -11.60
CA ASP A 32 0.51 -0.84 -11.78
C ASP A 32 -0.21 0.23 -12.62
N ARG A 33 -0.33 1.44 -12.06
CA ARG A 33 -1.01 2.61 -12.67
C ARG A 33 -2.45 2.31 -13.09
N ALA A 34 -3.35 2.35 -12.11
CA ALA A 34 -4.79 2.03 -12.23
C ALA A 34 -5.08 0.72 -13.00
N ARG A 35 -4.94 -0.37 -12.26
CA ARG A 35 -5.05 -1.74 -12.80
C ARG A 35 -6.41 -2.38 -12.45
N LEU A 36 -7.35 -2.17 -13.38
CA LEU A 36 -8.76 -2.63 -13.29
C LEU A 36 -9.44 -2.36 -11.93
N ARG A 37 -9.25 -1.13 -11.45
CA ARG A 37 -9.59 -0.74 -10.07
C ARG A 37 -9.85 0.76 -9.94
N LEU A 38 -10.71 1.09 -8.97
CA LEU A 38 -11.12 2.47 -8.66
C LEU A 38 -10.78 2.88 -7.20
N TRP A 2 -5.85 10.71 2.85
CA TRP A 2 -6.30 9.41 3.32
C TRP A 2 -6.63 9.52 4.80
N PRO A 3 -7.64 8.75 5.25
CA PRO A 3 -8.07 8.67 6.66
C PRO A 3 -7.03 7.99 7.57
N PRO A 4 -7.08 8.22 8.89
CA PRO A 4 -6.22 7.52 9.87
C PRO A 4 -6.55 6.02 10.03
N ARG A 5 -7.83 5.67 9.98
CA ARG A 5 -8.29 4.28 10.03
C ARG A 5 -8.51 3.67 8.66
N SER A 6 -7.88 2.50 8.53
CA SER A 6 -7.73 1.73 7.28
C SER A 6 -7.02 2.54 6.18
N TYR A 7 -6.34 1.81 5.32
CA TYR A 7 -5.66 2.41 4.16
C TYR A 7 -6.06 1.73 2.83
N THR A 8 -6.06 2.56 1.80
CA THR A 8 -6.36 2.17 0.41
C THR A 8 -5.07 1.75 -0.31
N CYS A 9 -5.22 0.85 -1.29
CA CYS A 9 -4.12 0.28 -2.05
C CYS A 9 -4.03 1.02 -3.38
N SER A 10 -5.08 1.76 -3.75
CA SER A 10 -5.32 2.44 -5.06
C SER A 10 -5.76 1.46 -6.15
N PHE A 11 -4.95 0.43 -6.37
CA PHE A 11 -5.26 -0.66 -7.32
C PHE A 11 -6.54 -1.44 -6.98
N CYS A 12 -6.81 -1.72 -5.71
CA CYS A 12 -8.06 -2.39 -5.38
C CYS A 12 -9.00 -1.38 -4.73
N LYS A 13 -8.63 -0.09 -4.68
CA LYS A 13 -9.36 0.94 -3.89
C LYS A 13 -10.03 0.50 -2.56
N ARG A 14 -9.50 -0.60 -2.02
CA ARG A 14 -10.01 -1.27 -0.82
C ARG A 14 -9.19 -0.87 0.41
N GLU A 15 -9.97 -0.74 1.47
CA GLU A 15 -9.49 -0.28 2.79
C GLU A 15 -9.09 -1.49 3.67
N PHE A 16 -7.81 -1.51 4.00
CA PHE A 16 -7.23 -2.54 4.89
C PHE A 16 -6.93 -1.95 6.27
N ARG A 17 -7.31 -2.73 7.29
CA ARG A 17 -6.94 -2.48 8.69
C ARG A 17 -5.51 -2.99 9.02
N SER A 18 -4.62 -2.77 8.05
CA SER A 18 -3.25 -3.31 8.02
C SER A 18 -2.25 -2.27 7.53
N ALA A 19 -0.98 -2.52 7.87
CA ALA A 19 0.15 -1.69 7.40
C ALA A 19 1.10 -2.51 6.51
N GLN A 20 1.87 -3.42 7.12
CA GLN A 20 2.82 -4.29 6.38
C GLN A 20 2.12 -5.22 5.37
N ALA A 21 0.99 -5.79 5.78
CA ALA A 21 0.13 -6.59 4.88
C ALA A 21 -0.36 -5.81 3.65
N LEU A 22 -0.64 -4.52 3.82
CA LEU A 22 -1.10 -3.63 2.72
C LEU A 22 0.05 -3.25 1.77
N GLY A 23 1.18 -2.80 2.34
CA GLY A 23 2.41 -2.50 1.56
C GLY A 23 2.82 -3.69 0.67
N GLY A 24 2.84 -4.87 1.31
CA GLY A 24 3.05 -6.16 0.62
C GLY A 24 1.93 -6.48 -0.39
N HIS A 25 0.69 -6.10 -0.06
CA HIS A 25 -0.47 -6.48 -0.85
C HIS A 25 -0.47 -5.70 -2.17
N MET A 26 -0.03 -4.44 -2.09
CA MET A 26 0.21 -3.56 -3.24
C MET A 26 1.30 -4.10 -4.18
N ASN A 27 2.37 -4.62 -3.58
CA ASN A 27 3.47 -5.29 -4.32
C ASN A 27 2.99 -6.57 -5.04
N VAL A 28 2.07 -7.31 -4.43
CA VAL A 28 1.48 -8.52 -5.05
C VAL A 28 0.62 -8.22 -6.30
N HIS A 29 0.24 -6.95 -6.51
CA HIS A 29 -0.54 -6.54 -7.67
C HIS A 29 0.22 -6.87 -8.95
N ARG A 30 1.23 -6.07 -9.27
CA ARG A 30 2.11 -6.31 -10.43
C ARG A 30 3.24 -5.28 -10.36
N ARG A 31 4.44 -5.83 -10.47
CA ARG A 31 5.73 -5.12 -10.42
C ARG A 31 6.00 -4.49 -9.03
N ASP A 32 7.28 -4.46 -8.71
CA ASP A 32 7.80 -3.92 -7.44
C ASP A 32 8.44 -2.54 -7.63
N ARG A 33 7.63 -1.52 -7.43
CA ARG A 33 8.09 -0.12 -7.49
C ARG A 33 9.20 0.16 -6.45
N ALA A 34 10.10 1.07 -6.83
CA ALA A 34 11.25 1.47 -5.99
C ALA A 34 10.81 1.93 -4.58
N ARG A 35 11.53 1.40 -3.59
CA ARG A 35 11.25 1.65 -2.17
C ARG A 35 12.38 2.50 -1.58
N LEU A 36 11.98 3.68 -1.12
CA LEU A 36 12.84 4.74 -0.56
C LEU A 36 13.91 5.24 -1.55
N ARG A 37 13.48 6.21 -2.36
CA ARG A 37 14.31 6.83 -3.41
C ARG A 37 14.47 8.35 -3.17
N LEU A 38 15.53 8.90 -3.75
CA LEU A 38 15.80 10.35 -3.74
C LEU A 38 15.34 11.09 -5.01
N TRP A 2 -5.46 13.11 10.81
CA TRP A 2 -4.15 12.53 11.04
C TRP A 2 -4.14 11.89 12.43
N PRO A 3 -5.01 10.91 12.69
CA PRO A 3 -5.07 10.24 14.00
C PRO A 3 -3.86 9.29 14.21
N PRO A 4 -3.42 9.10 15.47
CA PRO A 4 -2.29 8.22 15.81
C PRO A 4 -2.51 6.70 15.65
N ARG A 5 -3.14 6.34 14.53
CA ARG A 5 -3.43 4.94 14.11
C ARG A 5 -3.80 4.80 12.61
N SER A 6 -3.29 5.73 11.80
CA SER A 6 -3.53 5.77 10.34
C SER A 6 -2.56 6.72 9.63
N TYR A 7 -2.04 6.25 8.52
CA TYR A 7 -1.06 6.98 7.68
C TYR A 7 -1.28 6.70 6.18
N THR A 8 -0.67 7.54 5.34
CA THR A 8 -0.70 7.43 3.87
C THR A 8 0.57 6.75 3.33
N CYS A 9 0.53 6.25 2.09
CA CYS A 9 1.63 5.51 1.50
C CYS A 9 2.46 6.48 0.64
N SER A 10 1.97 7.71 0.47
CA SER A 10 2.42 8.77 -0.47
C SER A 10 2.12 8.43 -1.94
N PHE A 11 2.60 7.25 -2.35
CA PHE A 11 2.42 6.70 -3.71
C PHE A 11 0.95 6.40 -4.10
N CYS A 12 0.13 5.94 -3.16
CA CYS A 12 -1.29 5.78 -3.44
C CYS A 12 -2.08 6.71 -2.52
N LYS A 13 -1.41 7.60 -1.78
CA LYS A 13 -1.96 8.45 -0.70
C LYS A 13 -3.07 7.82 0.20
N ARG A 14 -3.18 6.49 0.15
CA ARG A 14 -4.24 5.73 0.83
C ARG A 14 -3.96 5.63 2.33
N GLU A 15 -5.03 5.83 3.08
CA GLU A 15 -5.05 5.65 4.55
C GLU A 15 -5.08 4.17 4.96
N PHE A 16 -4.05 3.82 5.72
CA PHE A 16 -3.86 2.48 6.34
C PHE A 16 -3.90 2.61 7.87
N ARG A 17 -4.15 1.48 8.52
CA ARG A 17 -4.28 1.39 9.99
C ARG A 17 -3.17 0.54 10.66
N SER A 18 -1.97 0.63 10.09
CA SER A 18 -0.80 -0.17 10.53
C SER A 18 0.53 0.29 9.91
N ALA A 19 1.55 0.29 10.75
CA ALA A 19 2.92 0.71 10.39
C ALA A 19 3.61 -0.22 9.35
N GLN A 20 3.69 -1.51 9.67
CA GLN A 20 4.35 -2.50 8.78
C GLN A 20 3.59 -2.77 7.48
N ALA A 21 2.28 -2.98 7.57
CA ALA A 21 1.40 -3.13 6.39
C ALA A 21 1.26 -1.84 5.54
N LEU A 22 1.85 -0.74 6.01
CA LEU A 22 2.06 0.47 5.19
C LEU A 22 3.49 0.54 4.62
N GLY A 23 4.51 0.40 5.48
CA GLY A 23 5.93 0.38 5.06
C GLY A 23 6.20 -0.69 3.98
N GLY A 24 5.68 -1.89 4.27
CA GLY A 24 5.67 -3.03 3.34
C GLY A 24 4.80 -2.77 2.09
N HIS A 25 3.65 -2.11 2.28
CA HIS A 25 2.75 -1.87 1.17
C HIS A 25 3.35 -0.82 0.24
N MET A 26 4.09 0.14 0.80
CA MET A 26 4.88 1.13 0.04
C MET A 26 6.02 0.46 -0.76
N ASN A 27 6.71 -0.47 -0.11
CA ASN A 27 7.78 -1.26 -0.76
C ASN A 27 7.25 -2.16 -1.89
N VAL A 28 6.02 -2.66 -1.73
CA VAL A 28 5.34 -3.44 -2.80
C VAL A 28 4.96 -2.61 -4.06
N HIS A 29 5.07 -1.27 -3.98
CA HIS A 29 4.84 -0.43 -5.13
C HIS A 29 5.85 -0.75 -6.22
N ARG A 30 5.72 -0.10 -7.38
CA ARG A 30 6.56 -0.35 -8.58
C ARG A 30 6.54 -1.81 -9.08
N ARG A 31 5.36 -2.19 -9.58
CA ARG A 31 5.10 -3.51 -10.18
C ARG A 31 3.81 -3.45 -11.02
N ASP A 32 3.98 -3.60 -12.33
CA ASP A 32 2.85 -3.56 -13.28
C ASP A 32 2.87 -4.76 -14.23
N ARG A 33 2.20 -5.82 -13.79
CA ARG A 33 2.07 -7.11 -14.51
C ARG A 33 1.02 -8.03 -13.86
N ALA A 34 -0.21 -7.88 -14.34
CA ALA A 34 -1.39 -8.66 -13.89
C ALA A 34 -2.57 -8.41 -14.84
N ARG A 35 -3.33 -9.48 -15.09
CA ARG A 35 -4.54 -9.47 -15.95
C ARG A 35 -5.32 -10.78 -15.70
N LEU A 36 -6.15 -10.72 -14.66
CA LEU A 36 -6.98 -11.86 -14.19
C LEU A 36 -6.15 -13.12 -13.87
N ARG A 37 -6.83 -14.20 -13.51
CA ARG A 37 -6.18 -15.52 -13.28
C ARG A 37 -6.59 -16.51 -14.37
N LEU A 38 -5.76 -16.54 -15.41
CA LEU A 38 -5.93 -17.36 -16.63
C LEU A 38 -7.15 -17.00 -17.52
N TRP A 2 -3.50 12.92 6.69
CA TRP A 2 -2.38 12.17 7.26
C TRP A 2 -2.75 11.77 8.68
N PRO A 3 -3.62 10.76 8.83
CA PRO A 3 -4.09 10.24 10.14
C PRO A 3 -3.00 9.40 10.84
N PRO A 4 -2.98 9.39 12.17
CA PRO A 4 -2.06 8.53 12.95
C PRO A 4 -2.40 7.03 12.90
N ARG A 5 -3.69 6.72 12.96
CA ARG A 5 -4.21 5.34 12.92
C ARG A 5 -4.68 5.01 11.49
N SER A 6 -4.22 3.83 11.06
CA SER A 6 -4.33 3.29 9.69
C SER A 6 -3.60 4.17 8.65
N TYR A 7 -2.76 3.50 7.88
CA TYR A 7 -2.02 4.14 6.78
C TYR A 7 -2.23 3.43 5.44
N THR A 8 -2.23 4.26 4.40
CA THR A 8 -2.40 3.88 2.98
C THR A 8 -1.04 3.53 2.34
N CYS A 9 -1.10 2.68 1.32
CA CYS A 9 0.08 2.18 0.62
C CYS A 9 0.23 2.96 -0.69
N SER A 10 -0.83 3.67 -1.09
CA SER A 10 -1.05 4.41 -2.37
C SER A 10 -1.37 3.47 -3.53
N PHE A 11 -0.48 2.50 -3.69
CA PHE A 11 -0.58 1.42 -4.70
C PHE A 11 -1.79 0.48 -4.52
N CYS A 12 -2.18 0.18 -3.29
CA CYS A 12 -3.41 -0.58 -3.08
C CYS A 12 -4.43 0.31 -2.38
N LYS A 13 -4.18 1.61 -2.27
CA LYS A 13 -4.95 2.59 -1.45
C LYS A 13 -5.59 2.09 -0.12
N ARG A 14 -5.08 0.95 0.36
CA ARG A 14 -5.64 0.21 1.51
C ARG A 14 -4.96 0.68 2.80
N GLU A 15 -5.83 0.77 3.80
CA GLU A 15 -5.49 1.19 5.17
C GLU A 15 -5.02 0.01 6.03
N PHE A 16 -3.79 0.15 6.49
CA PHE A 16 -3.14 -0.82 7.39
C PHE A 16 -2.89 -0.20 8.77
N ARG A 17 -3.28 -0.95 9.79
CA ARG A 17 -2.94 -0.67 11.21
C ARG A 17 -1.48 -1.03 11.56
N SER A 18 -0.62 -0.90 10.57
CA SER A 18 0.78 -1.39 10.60
C SER A 18 1.76 -0.34 10.08
N ALA A 19 3.02 -0.53 10.50
CA ALA A 19 4.15 0.31 10.03
C ALA A 19 5.16 -0.54 9.23
N GLN A 20 5.85 -1.46 9.92
CA GLN A 20 6.83 -2.38 9.30
C GLN A 20 6.18 -3.23 8.19
N ALA A 21 5.08 -3.89 8.55
CA ALA A 21 4.27 -4.69 7.60
C ALA A 21 3.79 -3.90 6.38
N LEU A 22 3.56 -2.60 6.55
CA LEU A 22 3.11 -1.69 5.46
C LEU A 22 4.28 -1.25 4.56
N GLY A 23 5.36 -0.75 5.18
CA GLY A 23 6.60 -0.35 4.45
C GLY A 23 7.13 -1.50 3.58
N GLY A 24 7.18 -2.68 4.19
CA GLY A 24 7.49 -3.94 3.48
C GLY A 24 6.43 -4.29 2.42
N HIS A 25 5.16 -4.01 2.71
CA HIS A 25 4.07 -4.42 1.85
C HIS A 25 4.08 -3.58 0.57
N MET A 26 4.42 -2.30 0.72
CA MET A 26 4.65 -1.31 -0.35
C MET A 26 5.79 -1.77 -1.28
N ASN A 27 6.87 -2.27 -0.68
CA ASN A 27 8.03 -2.80 -1.42
C ASN A 27 7.68 -4.07 -2.24
N VAL A 28 6.83 -4.92 -1.67
CA VAL A 28 6.34 -6.14 -2.36
C VAL A 28 5.54 -5.86 -3.65
N HIS A 29 5.07 -4.61 -3.84
CA HIS A 29 4.35 -4.21 -5.03
C HIS A 29 5.24 -4.43 -6.26
N ARG A 30 6.37 -3.72 -6.30
CA ARG A 30 7.27 -3.64 -7.48
C ARG A 30 6.62 -3.26 -8.83
N ARG A 31 7.09 -2.15 -9.40
CA ARG A 31 6.68 -1.74 -10.76
C ARG A 31 7.31 -2.59 -11.88
N ASP A 32 6.83 -3.82 -11.94
CA ASP A 32 7.20 -4.81 -12.97
C ASP A 32 6.01 -5.59 -13.57
N ARG A 33 4.83 -5.00 -13.46
CA ARG A 33 3.57 -5.54 -14.02
C ARG A 33 2.83 -4.37 -14.69
N ALA A 34 2.30 -4.65 -15.88
CA ALA A 34 1.42 -3.70 -16.58
C ALA A 34 0.18 -3.39 -15.71
N ARG A 35 -0.29 -2.14 -15.78
CA ARG A 35 -1.39 -1.62 -14.93
C ARG A 35 -2.60 -2.55 -14.81
N LEU A 36 -3.08 -3.03 -15.96
CA LEU A 36 -4.17 -4.04 -16.11
C LEU A 36 -5.38 -3.75 -15.19
N ARG A 37 -6.07 -2.66 -15.51
CA ARG A 37 -7.21 -2.17 -14.70
C ARG A 37 -8.39 -3.16 -14.75
N LEU A 38 -9.05 -3.25 -13.61
CA LEU A 38 -10.23 -4.12 -13.40
C LEU A 38 -11.56 -3.36 -13.25
N TRP A 2 -5.82 10.96 8.53
CA TRP A 2 -5.11 9.70 8.59
C TRP A 2 -5.35 9.08 9.98
N PRO A 3 -5.57 7.75 10.01
CA PRO A 3 -5.76 7.00 11.27
C PRO A 3 -4.49 6.90 12.14
N PRO A 4 -4.61 6.77 13.46
CA PRO A 4 -3.47 6.69 14.40
C PRO A 4 -2.57 5.47 14.20
N ARG A 5 -3.13 4.25 14.34
CA ARG A 5 -2.34 3.02 14.20
C ARG A 5 -2.45 2.34 12.83
N SER A 6 -2.58 3.18 11.81
CA SER A 6 -2.79 2.74 10.42
C SER A 6 -2.37 3.83 9.42
N TYR A 7 -1.76 3.37 8.33
CA TYR A 7 -1.25 4.24 7.24
C TYR A 7 -1.48 3.62 5.84
N THR A 8 -1.16 4.42 4.82
CA THR A 8 -1.36 4.11 3.39
C THR A 8 0.00 3.75 2.74
N CYS A 9 -0.01 2.96 1.66
CA CYS A 9 1.20 2.50 1.01
C CYS A 9 1.45 3.38 -0.23
N SER A 10 0.42 4.14 -0.65
CA SER A 10 0.31 4.96 -1.89
C SER A 10 0.06 4.11 -3.13
N PHE A 11 0.93 3.12 -3.31
CA PHE A 11 0.88 2.14 -4.40
C PHE A 11 -0.35 1.21 -4.35
N CYS A 12 -0.86 0.87 -3.16
CA CYS A 12 -2.10 0.12 -3.09
C CYS A 12 -3.17 1.00 -2.43
N LYS A 13 -2.89 2.29 -2.22
CA LYS A 13 -3.75 3.23 -1.44
C LYS A 13 -4.55 2.64 -0.25
N ARG A 14 -4.04 1.52 0.30
CA ARG A 14 -4.75 0.73 1.31
C ARG A 14 -4.12 0.96 2.68
N GLU A 15 -5.03 1.04 3.65
CA GLU A 15 -4.68 1.22 5.08
C GLU A 15 -4.26 -0.08 5.75
N PHE A 16 -3.05 -0.01 6.31
CA PHE A 16 -2.39 -1.07 7.09
C PHE A 16 -2.21 -0.66 8.55
N ARG A 17 -2.14 -1.68 9.41
CA ARG A 17 -2.08 -1.52 10.89
C ARG A 17 -0.71 -1.87 11.50
N SER A 18 0.35 -1.36 10.85
CA SER A 18 1.74 -1.63 11.23
C SER A 18 2.75 -0.81 10.42
N ALA A 19 3.79 -0.35 11.12
CA ALA A 19 4.90 0.41 10.51
C ALA A 19 5.76 -0.43 9.55
N GLN A 20 6.29 -1.55 10.08
CA GLN A 20 7.17 -2.45 9.31
C GLN A 20 6.46 -3.23 8.19
N ALA A 21 5.31 -3.85 8.49
CA ALA A 21 4.49 -4.52 7.46
C ALA A 21 3.77 -3.58 6.48
N LEU A 22 4.04 -2.28 6.63
CA LEU A 22 3.72 -1.26 5.61
C LEU A 22 4.98 -0.86 4.81
N GLY A 23 6.06 -0.46 5.51
CA GLY A 23 7.35 -0.12 4.89
C GLY A 23 7.92 -1.28 4.03
N GLY A 24 7.88 -2.48 4.62
CA GLY A 24 8.20 -3.74 3.94
C GLY A 24 7.21 -4.08 2.82
N HIS A 25 5.91 -3.81 3.05
CA HIS A 25 4.90 -4.15 2.07
C HIS A 25 5.05 -3.25 0.84
N MET A 26 5.41 -1.99 1.08
CA MET A 26 5.77 -0.96 0.08
C MET A 26 6.98 -1.39 -0.76
N ASN A 27 7.99 -1.92 -0.09
CA ASN A 27 9.20 -2.47 -0.73
C ASN A 27 8.94 -3.74 -1.57
N VAL A 28 7.95 -4.54 -1.17
CA VAL A 28 7.50 -5.70 -1.97
C VAL A 28 6.76 -5.33 -3.29
N HIS A 29 6.46 -4.04 -3.47
CA HIS A 29 5.84 -3.55 -4.68
C HIS A 29 6.80 -3.71 -5.85
N ARG A 30 6.35 -3.28 -7.02
CA ARG A 30 7.09 -3.26 -8.30
C ARG A 30 6.15 -2.71 -9.38
N ARG A 31 6.69 -1.83 -10.21
CA ARG A 31 6.00 -1.43 -11.45
C ARG A 31 5.76 -2.65 -12.34
N ASP A 32 4.52 -2.76 -12.82
CA ASP A 32 4.07 -3.86 -13.67
C ASP A 32 2.83 -3.38 -14.42
N ARG A 33 2.81 -3.68 -15.72
CA ARG A 33 1.80 -3.25 -16.71
C ARG A 33 1.51 -1.73 -16.66
N ALA A 34 0.35 -1.30 -17.17
CA ALA A 34 -0.16 0.06 -17.00
C ALA A 34 -0.60 0.32 -15.54
N ARG A 35 -1.79 -0.15 -15.17
CA ARG A 35 -2.33 -0.12 -13.79
C ARG A 35 -3.59 -1.00 -13.72
N LEU A 36 -3.35 -2.28 -13.43
CA LEU A 36 -4.40 -3.33 -13.32
C LEU A 36 -5.47 -3.23 -14.43
N ARG A 37 -6.75 -3.55 -14.16
CA ARG A 37 -7.89 -3.33 -15.07
C ARG A 37 -7.64 -3.81 -16.52
N LEU A 38 -7.99 -5.08 -16.76
CA LEU A 38 -7.62 -5.84 -17.98
C LEU A 38 -6.10 -6.00 -18.19
N TRP A 2 -7.06 11.62 4.18
CA TRP A 2 -7.15 10.31 4.81
C TRP A 2 -7.90 10.46 6.13
N PRO A 3 -8.88 9.57 6.35
CA PRO A 3 -9.69 9.55 7.59
C PRO A 3 -8.90 9.07 8.82
N PRO A 4 -9.30 9.45 10.05
CA PRO A 4 -8.68 8.96 11.29
C PRO A 4 -8.80 7.44 11.51
N ARG A 5 -9.75 6.82 10.79
CA ARG A 5 -10.03 5.38 10.83
C ARG A 5 -9.56 4.73 9.53
N SER A 6 -8.59 3.82 9.67
CA SER A 6 -7.95 3.09 8.55
C SER A 6 -7.19 3.97 7.54
N TYR A 7 -6.22 3.35 6.89
CA TYR A 7 -5.43 4.03 5.84
C TYR A 7 -5.58 3.41 4.45
N THR A 8 -5.82 4.29 3.48
CA THR A 8 -5.89 3.97 2.04
C THR A 8 -4.49 3.64 1.49
N CYS A 9 -4.46 2.95 0.35
CA CYS A 9 -3.21 2.52 -0.25
C CYS A 9 -2.92 3.42 -1.45
N SER A 10 -3.86 4.32 -1.78
CA SER A 10 -3.94 5.17 -3.01
C SER A 10 -4.25 4.34 -4.26
N PHE A 11 -3.43 3.33 -4.50
CA PHE A 11 -3.54 2.39 -5.63
C PHE A 11 -4.85 1.60 -5.67
N CYS A 12 -5.36 1.16 -4.50
CA CYS A 12 -6.65 0.51 -4.45
C CYS A 12 -7.58 1.34 -3.57
N LYS A 13 -7.20 2.58 -3.22
CA LYS A 13 -7.87 3.39 -2.16
C LYS A 13 -8.58 2.62 -1.01
N ARG A 14 -8.05 1.43 -0.72
CA ARG A 14 -8.56 0.48 0.28
C ARG A 14 -8.10 0.88 1.68
N GLU A 15 -9.10 1.09 2.51
CA GLU A 15 -8.95 1.45 3.93
C GLU A 15 -8.53 0.23 4.77
N PHE A 16 -7.29 0.30 5.26
CA PHE A 16 -6.73 -0.74 6.15
C PHE A 16 -6.53 -0.25 7.59
N ARG A 17 -7.00 -1.09 8.51
CA ARG A 17 -6.74 -0.99 9.97
C ARG A 17 -5.33 -1.48 10.35
N SER A 18 -4.37 -1.00 9.57
CA SER A 18 -2.96 -1.45 9.60
C SER A 18 -2.00 -0.35 9.13
N ALA A 19 -0.75 -0.50 9.55
CA ALA A 19 0.35 0.38 9.13
C ALA A 19 1.39 -0.41 8.30
N GLN A 20 2.16 -1.28 8.97
CA GLN A 20 3.20 -2.08 8.31
C GLN A 20 2.67 -3.09 7.26
N ALA A 21 1.55 -3.75 7.58
CA ALA A 21 0.84 -4.63 6.63
C ALA A 21 0.39 -3.89 5.36
N LEU A 22 -0.09 -2.66 5.53
CA LEU A 22 -0.51 -1.77 4.43
C LEU A 22 0.69 -1.23 3.62
N GLY A 23 1.76 -0.83 4.33
CA GLY A 23 3.04 -0.40 3.70
C GLY A 23 3.63 -1.47 2.77
N GLY A 24 3.69 -2.70 3.30
CA GLY A 24 4.08 -3.89 2.52
C GLY A 24 3.12 -4.18 1.34
N HIS A 25 1.83 -3.96 1.59
CA HIS A 25 0.78 -4.30 0.64
C HIS A 25 0.82 -3.32 -0.53
N MET A 26 1.15 -2.07 -0.24
CA MET A 26 1.44 -0.98 -1.20
C MET A 26 2.64 -1.32 -2.09
N ASN A 27 3.73 -1.82 -1.49
CA ASN A 27 4.92 -2.27 -2.22
C ASN A 27 4.63 -3.45 -3.16
N VAL A 28 3.79 -4.37 -2.70
CA VAL A 28 3.35 -5.53 -3.52
C VAL A 28 2.53 -5.15 -4.78
N HIS A 29 2.16 -3.86 -4.90
CA HIS A 29 1.47 -3.37 -6.08
C HIS A 29 2.37 -3.54 -7.32
N ARG A 30 3.69 -3.65 -7.14
CA ARG A 30 4.66 -3.96 -8.22
C ARG A 30 4.67 -2.92 -9.37
N ARG A 31 4.89 -1.67 -9.00
CA ARG A 31 4.84 -0.51 -9.93
C ARG A 31 5.36 0.76 -9.23
N ASP A 32 5.76 1.72 -10.05
CA ASP A 32 6.31 3.05 -9.69
C ASP A 32 7.77 2.88 -9.21
N ARG A 33 8.14 3.55 -8.12
CA ARG A 33 9.44 3.41 -7.41
C ARG A 33 9.72 1.95 -7.04
N ALA A 34 11.02 1.59 -7.13
CA ALA A 34 11.55 0.22 -6.93
C ALA A 34 10.96 -0.82 -7.89
N ARG A 35 11.82 -1.27 -8.80
CA ARG A 35 11.46 -2.26 -9.83
C ARG A 35 11.10 -3.64 -9.23
N LEU A 36 12.13 -4.35 -8.75
CA LEU A 36 12.01 -5.68 -8.09
C LEU A 36 11.10 -6.68 -8.84
N ARG A 37 11.59 -7.04 -10.02
CA ARG A 37 10.86 -7.92 -10.97
C ARG A 37 11.83 -8.97 -11.55
N LEU A 38 11.24 -10.02 -12.11
CA LEU A 38 11.97 -11.12 -12.79
C LEU A 38 13.04 -10.67 -13.81
N TRP A 2 2.17 4.64 9.79
CA TRP A 2 0.89 4.08 9.41
C TRP A 2 -0.16 4.62 10.38
N PRO A 3 -0.61 5.87 10.17
CA PRO A 3 -1.63 6.50 11.03
C PRO A 3 -3.02 5.85 10.86
N PRO A 4 -3.88 5.91 11.92
CA PRO A 4 -5.26 5.41 11.85
C PRO A 4 -6.15 6.26 10.92
N ARG A 5 -7.44 5.95 10.90
CA ARG A 5 -8.44 6.54 9.98
C ARG A 5 -8.20 6.19 8.50
N SER A 6 -9.25 6.41 7.71
CA SER A 6 -9.23 6.22 6.24
C SER A 6 -8.24 7.16 5.53
N TYR A 7 -7.50 6.58 4.59
CA TYR A 7 -6.56 7.33 3.73
C TYR A 7 -6.66 6.97 2.24
N THR A 8 -6.27 7.95 1.43
CA THR A 8 -6.20 7.82 -0.04
C THR A 8 -4.93 7.05 -0.47
N CYS A 9 -4.93 6.58 -1.71
CA CYS A 9 -3.82 5.82 -2.27
C CYS A 9 -2.98 6.76 -3.15
N SER A 10 -3.42 8.01 -3.32
CA SER A 10 -2.93 8.99 -4.31
C SER A 10 -3.26 8.61 -5.76
N PHE A 11 -2.77 7.45 -6.19
CA PHE A 11 -3.06 6.90 -7.54
C PHE A 11 -4.54 6.69 -7.84
N CYS A 12 -5.31 6.15 -6.90
CA CYS A 12 -6.73 5.97 -7.14
C CYS A 12 -7.51 6.86 -6.16
N LYS A 13 -6.84 7.79 -5.46
CA LYS A 13 -7.40 8.56 -4.33
C LYS A 13 -8.51 7.90 -3.46
N ARG A 14 -8.51 6.57 -3.43
CA ARG A 14 -9.52 5.76 -2.73
C ARG A 14 -9.18 5.66 -1.23
N GLU A 15 -10.21 5.93 -0.47
CA GLU A 15 -10.20 5.81 1.01
C GLU A 15 -10.19 4.35 1.49
N PHE A 16 -9.04 4.01 2.04
CA PHE A 16 -8.80 2.72 2.73
C PHE A 16 -8.78 2.90 4.25
N ARG A 17 -9.53 2.02 4.89
CA ARG A 17 -9.64 1.90 6.36
C ARG A 17 -8.50 1.07 7.01
N SER A 18 -7.36 1.01 6.31
CA SER A 18 -6.29 0.05 6.63
C SER A 18 -4.92 0.44 6.05
N ALA A 19 -3.94 0.33 6.94
CA ALA A 19 -2.52 0.68 6.69
C ALA A 19 -1.85 -0.19 5.60
N GLN A 20 -1.68 -1.48 5.90
CA GLN A 20 -1.05 -2.45 4.98
C GLN A 20 -1.83 -2.68 3.67
N ALA A 21 -3.15 -2.79 3.77
CA ALA A 21 -4.03 -2.88 2.59
C ALA A 21 -4.11 -1.59 1.75
N LEU A 22 -3.51 -0.51 2.25
CA LEU A 22 -3.24 0.71 1.46
C LEU A 22 -1.83 0.67 0.86
N GLY A 23 -0.80 0.45 1.70
CA GLY A 23 0.60 0.35 1.24
C GLY A 23 0.82 -0.73 0.16
N GLY A 24 0.29 -1.92 0.47
CA GLY A 24 0.25 -3.05 -0.47
C GLY A 24 -0.59 -2.75 -1.71
N HIS A 25 -1.71 -2.04 -1.53
CA HIS A 25 -2.60 -1.76 -2.64
C HIS A 25 -1.97 -0.71 -3.56
N MET A 26 -1.27 0.25 -2.96
CA MET A 26 -0.45 1.27 -3.65
C MET A 26 0.72 0.65 -4.43
N ASN A 27 1.38 -0.33 -3.81
CA ASN A 27 2.46 -1.11 -4.45
C ASN A 27 1.96 -1.98 -5.62
N VAL A 28 0.74 -2.50 -5.51
CA VAL A 28 0.10 -3.23 -6.64
C VAL A 28 -0.17 -2.32 -7.88
N HIS A 29 -0.12 -1.00 -7.71
CA HIS A 29 -0.35 -0.08 -8.81
C HIS A 29 0.69 -0.34 -9.92
N ARG A 30 1.90 -0.72 -9.52
CA ARG A 30 3.02 -1.02 -10.43
C ARG A 30 4.16 -1.62 -9.60
N ARG A 31 4.51 -2.85 -9.96
CA ARG A 31 5.63 -3.64 -9.38
C ARG A 31 5.43 -4.00 -7.89
N ASP A 32 4.59 -5.01 -7.69
CA ASP A 32 4.27 -5.54 -6.34
C ASP A 32 5.32 -6.57 -5.85
N ARG A 33 5.58 -7.57 -6.70
CA ARG A 33 6.58 -8.61 -6.44
C ARG A 33 7.63 -8.64 -7.55
N ALA A 34 8.87 -8.81 -7.11
CA ALA A 34 10.06 -8.86 -7.99
C ALA A 34 10.97 -10.08 -7.69
N ARG A 35 11.47 -10.12 -6.45
CA ARG A 35 12.35 -11.18 -5.92
C ARG A 35 12.47 -11.04 -4.40
N LEU A 36 13.17 -9.98 -3.96
CA LEU A 36 13.48 -9.69 -2.53
C LEU A 36 14.29 -10.83 -1.89
N ARG A 37 14.75 -10.65 -0.64
CA ARG A 37 15.51 -11.70 0.10
C ARG A 37 14.97 -13.13 -0.09
N LEU A 38 13.65 -13.25 -0.02
CA LEU A 38 12.90 -14.49 -0.25
C LEU A 38 11.74 -14.30 -1.25
N TRP A 2 -7.08 10.36 6.77
CA TRP A 2 -6.81 9.62 7.99
C TRP A 2 -8.13 9.06 8.51
N PRO A 3 -8.47 7.84 8.03
CA PRO A 3 -9.69 7.11 8.44
C PRO A 3 -9.59 6.59 9.90
N PRO A 4 -10.72 6.47 10.60
CA PRO A 4 -10.77 5.97 11.99
C PRO A 4 -10.45 4.47 12.13
N ARG A 5 -11.47 3.62 11.98
CA ARG A 5 -11.34 2.15 12.11
C ARG A 5 -11.23 1.46 10.73
N SER A 6 -10.22 1.91 9.98
CA SER A 6 -9.94 1.48 8.59
C SER A 6 -8.69 2.16 8.02
N TYR A 7 -8.13 1.50 7.02
CA TYR A 7 -6.97 1.99 6.24
C TYR A 7 -7.16 1.78 4.73
N THR A 8 -6.48 2.62 3.96
CA THR A 8 -6.52 2.65 2.48
C THR A 8 -5.26 1.99 1.90
N CYS A 9 -5.32 1.52 0.64
CA CYS A 9 -4.22 0.82 0.03
C CYS A 9 -3.50 1.78 -0.93
N SER A 10 -4.11 2.94 -1.21
CA SER A 10 -3.76 3.98 -2.21
C SER A 10 -4.09 3.54 -3.64
N PHE A 11 -3.59 2.36 -4.01
CA PHE A 11 -3.81 1.73 -5.31
C PHE A 11 -5.27 1.33 -5.59
N CYS A 12 -5.98 0.73 -4.63
CA CYS A 12 -7.40 0.48 -4.83
C CYS A 12 -8.19 1.59 -4.13
N LYS A 13 -7.53 2.60 -3.58
CA LYS A 13 -8.15 3.63 -2.68
C LYS A 13 -9.33 3.20 -1.78
N ARG A 14 -9.34 1.89 -1.48
CA ARG A 14 -10.37 1.22 -0.69
C ARG A 14 -9.93 1.10 0.77
N GLU A 15 -10.93 1.22 1.63
CA GLU A 15 -10.75 1.18 3.09
C GLU A 15 -11.12 -0.21 3.66
N PHE A 16 -10.14 -0.73 4.38
CA PHE A 16 -10.18 -2.09 4.98
C PHE A 16 -9.95 -2.04 6.50
N ARG A 17 -10.37 -3.12 7.15
CA ARG A 17 -10.26 -3.28 8.63
C ARG A 17 -9.20 -4.32 9.08
N SER A 18 -7.95 -4.04 8.73
CA SER A 18 -6.81 -4.95 9.07
C SER A 18 -5.45 -4.24 9.03
N ALA A 19 -4.45 -4.90 9.63
CA ALA A 19 -3.05 -4.43 9.60
C ALA A 19 -2.03 -5.38 8.92
N GLN A 20 -2.56 -6.44 8.31
CA GLN A 20 -1.75 -7.47 7.62
C GLN A 20 -2.28 -7.79 6.21
N ALA A 21 -3.58 -8.06 6.15
CA ALA A 21 -4.31 -8.21 4.87
C ALA A 21 -4.01 -7.07 3.89
N LEU A 22 -3.95 -5.83 4.37
CA LEU A 22 -3.59 -4.65 3.56
C LEU A 22 -2.16 -4.62 3.03
N GLY A 23 -1.17 -4.85 3.91
CA GLY A 23 0.26 -4.89 3.51
C GLY A 23 0.50 -5.91 2.39
N GLY A 24 -0.03 -7.11 2.64
CA GLY A 24 -0.05 -8.20 1.64
C GLY A 24 -0.87 -7.84 0.38
N HIS A 25 -1.99 -7.16 0.58
CA HIS A 25 -2.92 -6.87 -0.49
C HIS A 25 -2.33 -5.81 -1.41
N MET A 26 -1.60 -4.87 -0.82
CA MET A 26 -0.82 -3.82 -1.53
C MET A 26 0.35 -4.42 -2.33
N ASN A 27 1.02 -5.41 -1.76
CA ASN A 27 2.09 -6.16 -2.45
C ASN A 27 1.56 -6.92 -3.68
N VAL A 28 0.37 -7.49 -3.57
CA VAL A 28 -0.32 -8.18 -4.68
C VAL A 28 -0.69 -7.27 -5.88
N HIS A 29 -0.65 -5.94 -5.68
CA HIS A 29 -0.91 -4.99 -6.74
C HIS A 29 0.11 -5.18 -7.87
N ARG A 30 1.30 -4.59 -7.73
CA ARG A 30 2.44 -4.66 -8.68
C ARG A 30 3.57 -3.70 -8.28
N ARG A 31 4.51 -4.20 -7.49
CA ARG A 31 5.75 -3.44 -7.19
C ARG A 31 6.75 -3.49 -8.36
N ASP A 32 6.50 -2.62 -9.33
CA ASP A 32 7.38 -2.46 -10.50
C ASP A 32 8.28 -1.23 -10.31
N ARG A 33 9.46 -1.51 -9.77
CA ARG A 33 10.49 -0.47 -9.59
C ARG A 33 11.49 -0.48 -10.77
N ALA A 34 11.88 0.74 -11.13
CA ALA A 34 12.86 1.00 -12.19
C ALA A 34 14.15 1.55 -11.56
N ARG A 35 15.13 1.80 -12.42
CA ARG A 35 16.37 2.51 -12.05
C ARG A 35 16.07 3.98 -11.64
N LEU A 36 16.95 4.92 -12.00
CA LEU A 36 16.94 6.34 -11.57
C LEU A 36 17.28 6.47 -10.08
N ARG A 37 18.35 7.21 -9.83
CA ARG A 37 18.82 7.47 -8.46
C ARG A 37 18.71 8.96 -8.07
N LEU A 38 19.34 9.82 -8.88
CA LEU A 38 19.26 11.29 -8.74
C LEU A 38 17.84 11.85 -8.95
N TRP A 2 0.23 14.02 11.36
CA TRP A 2 -0.33 12.71 11.08
C TRP A 2 -1.72 12.65 11.73
N PRO A 3 -2.70 12.02 11.04
CA PRO A 3 -4.07 11.80 11.56
C PRO A 3 -4.11 10.84 12.77
N PRO A 4 -5.17 10.86 13.59
CA PRO A 4 -5.33 9.97 14.75
C PRO A 4 -5.36 8.46 14.40
N ARG A 5 -5.87 8.16 13.22
CA ARG A 5 -6.04 6.80 12.66
C ARG A 5 -6.43 6.96 11.17
N SER A 6 -6.41 5.84 10.46
CA SER A 6 -6.76 5.76 9.02
C SER A 6 -5.84 6.61 8.13
N TYR A 7 -5.66 6.09 6.93
CA TYR A 7 -4.81 6.72 5.90
C TYR A 7 -5.22 6.35 4.46
N THR A 8 -4.63 7.09 3.55
CA THR A 8 -4.96 7.12 2.11
C THR A 8 -3.79 6.50 1.33
N CYS A 9 -4.06 5.96 0.13
CA CYS A 9 -3.04 5.31 -0.66
C CYS A 9 -2.52 6.31 -1.70
N SER A 10 -3.23 7.42 -1.91
CA SER A 10 -3.05 8.45 -2.96
C SER A 10 -3.54 7.97 -4.33
N PHE A 11 -2.98 6.85 -4.78
CA PHE A 11 -3.39 6.18 -6.04
C PHE A 11 -4.86 5.74 -6.08
N CYS A 12 -5.41 5.25 -4.96
CA CYS A 12 -6.82 4.90 -4.97
C CYS A 12 -7.56 5.84 -4.02
N LYS A 13 -6.93 6.90 -3.53
CA LYS A 13 -7.47 7.76 -2.44
C LYS A 13 -8.45 7.13 -1.42
N ARG A 14 -8.27 5.83 -1.17
CA ARG A 14 -9.14 5.03 -0.30
C ARG A 14 -8.53 5.02 1.11
N GLU A 15 -9.42 5.25 2.07
CA GLU A 15 -9.08 5.23 3.50
C GLU A 15 -9.04 3.78 4.03
N PHE A 16 -7.87 3.47 4.57
CA PHE A 16 -7.56 2.18 5.24
C PHE A 16 -7.28 2.39 6.73
N ARG A 17 -7.40 1.26 7.44
CA ARG A 17 -7.29 1.22 8.91
C ARG A 17 -5.89 0.80 9.45
N SER A 18 -4.86 1.05 8.65
CA SER A 18 -3.47 0.62 8.97
C SER A 18 -2.41 1.08 7.94
N ALA A 19 -1.30 1.53 8.49
CA ALA A 19 -0.16 2.09 7.73
C ALA A 19 0.54 1.08 6.81
N GLN A 20 0.87 -0.09 7.37
CA GLN A 20 1.57 -1.17 6.62
C GLN A 20 0.70 -1.81 5.54
N ALA A 21 -0.60 -2.00 5.84
CA ALA A 21 -1.58 -2.44 4.83
C ALA A 21 -1.61 -1.48 3.63
N LEU A 22 -1.46 -0.17 3.88
CA LEU A 22 -1.28 0.83 2.81
C LEU A 22 0.07 0.79 2.10
N GLY A 23 1.18 0.71 2.85
CA GLY A 23 2.54 0.56 2.28
C GLY A 23 2.61 -0.60 1.27
N GLY A 24 2.05 -1.75 1.71
CA GLY A 24 1.89 -2.95 0.85
C GLY A 24 0.85 -2.77 -0.27
N HIS A 25 -0.28 -2.16 0.06
CA HIS A 25 -1.41 -2.08 -0.86
C HIS A 25 -1.09 -1.09 -1.98
N MET A 26 -0.34 -0.03 -1.66
CA MET A 26 0.23 0.97 -2.59
C MET A 26 1.24 0.31 -3.54
N ASN A 27 2.12 -0.52 -2.99
CA ASN A 27 3.08 -1.30 -3.77
C ASN A 27 2.41 -2.36 -4.67
N VAL A 28 1.22 -2.84 -4.30
CA VAL A 28 0.43 -3.72 -5.19
C VAL A 28 -0.21 -3.01 -6.41
N HIS A 29 -0.21 -1.67 -6.41
CA HIS A 29 -0.77 -0.87 -7.49
C HIS A 29 -0.05 -1.21 -8.79
N ARG A 30 -0.60 -2.13 -9.58
CA ARG A 30 -0.04 -2.62 -10.87
C ARG A 30 1.50 -2.74 -10.87
N ARG A 31 1.96 -3.61 -10.00
CA ARG A 31 3.41 -3.88 -9.83
C ARG A 31 3.78 -5.36 -10.00
N ASP A 32 5.09 -5.55 -10.16
CA ASP A 32 5.72 -6.87 -10.37
C ASP A 32 7.25 -6.79 -10.14
N ARG A 33 7.86 -5.75 -10.71
CA ARG A 33 9.32 -5.44 -10.59
C ARG A 33 10.21 -6.67 -10.81
N ALA A 34 10.28 -7.06 -12.09
CA ALA A 34 10.91 -8.31 -12.57
C ALA A 34 10.49 -9.54 -11.74
N ARG A 35 9.42 -10.18 -12.20
CA ARG A 35 8.74 -11.31 -11.53
C ARG A 35 9.66 -12.28 -10.76
N LEU A 36 10.71 -12.74 -11.45
CA LEU A 36 11.76 -13.64 -10.93
C LEU A 36 11.19 -15.03 -10.57
N ARG A 37 10.48 -15.09 -9.45
CA ARG A 37 9.87 -16.28 -8.82
C ARG A 37 9.07 -15.86 -7.57
N LEU A 38 7.76 -15.99 -7.70
CA LEU A 38 6.80 -15.68 -6.61
C LEU A 38 5.37 -16.24 -6.84
N TRP A 2 -0.38 10.62 10.10
CA TRP A 2 -1.54 9.77 9.91
C TRP A 2 -1.90 9.15 11.27
N PRO A 3 -3.21 9.06 11.56
CA PRO A 3 -3.72 8.42 12.77
C PRO A 3 -3.37 6.91 12.81
N PRO A 4 -3.20 6.35 14.02
CA PRO A 4 -3.06 4.89 14.20
C PRO A 4 -4.41 4.17 13.96
N ARG A 5 -4.47 2.90 14.36
CA ARG A 5 -5.65 2.01 14.23
C ARG A 5 -6.06 1.80 12.75
N SER A 6 -5.50 0.72 12.21
CA SER A 6 -5.55 0.33 10.78
C SER A 6 -4.99 1.42 9.83
N TYR A 7 -4.49 0.94 8.70
CA TYR A 7 -3.89 1.81 7.65
C TYR A 7 -4.27 1.35 6.23
N THR A 8 -4.13 2.30 5.32
CA THR A 8 -4.49 2.19 3.89
C THR A 8 -3.22 1.91 3.06
N CYS A 9 -3.38 1.30 1.89
CA CYS A 9 -2.28 0.92 1.04
C CYS A 9 -2.17 1.95 -0.08
N SER A 10 -3.18 2.81 -0.24
CA SER A 10 -3.44 3.79 -1.32
C SER A 10 -3.89 3.12 -2.63
N PHE A 11 -3.08 2.16 -3.06
CA PHE A 11 -3.33 1.33 -4.26
C PHE A 11 -4.59 0.45 -4.20
N CYS A 12 -4.92 -0.12 -3.02
CA CYS A 12 -6.17 -0.83 -2.88
C CYS A 12 -7.11 -0.01 -2.00
N LYS A 13 -6.76 1.24 -1.67
CA LYS A 13 -7.48 2.08 -0.67
C LYS A 13 -8.20 1.36 0.51
N ARG A 14 -7.66 0.18 0.84
CA ARG A 14 -8.21 -0.74 1.84
C ARG A 14 -7.42 -0.66 3.17
N GLU A 15 -8.19 -0.90 4.22
CA GLU A 15 -7.69 -0.83 5.61
C GLU A 15 -7.25 -2.20 6.16
N PHE A 16 -5.98 -2.20 6.54
CA PHE A 16 -5.26 -3.34 7.15
C PHE A 16 -4.93 -3.09 8.63
N ARG A 17 -4.64 -4.19 9.30
CA ARG A 17 -4.34 -4.20 10.75
C ARG A 17 -2.87 -4.52 11.12
N SER A 18 -1.95 -3.97 10.33
CA SER A 18 -0.48 -4.18 10.49
C SER A 18 0.38 -3.37 9.51
N ALA A 19 1.46 -2.82 10.07
CA ALA A 19 2.42 -1.98 9.33
C ALA A 19 3.20 -2.74 8.23
N GLN A 20 3.84 -3.84 8.61
CA GLN A 20 4.63 -4.66 7.67
C GLN A 20 3.78 -5.38 6.61
N ALA A 21 2.65 -5.97 7.03
CA ALA A 21 1.69 -6.56 6.08
C ALA A 21 0.91 -5.54 5.22
N LEU A 22 1.15 -4.25 5.45
CA LEU A 22 0.88 -3.18 4.46
C LEU A 22 2.07 -2.83 3.56
N GLY A 23 3.24 -2.57 4.16
CA GLY A 23 4.49 -2.30 3.40
C GLY A 23 4.79 -3.40 2.37
N GLY A 24 4.73 -4.64 2.86
CA GLY A 24 4.85 -5.86 2.04
C GLY A 24 3.68 -6.03 1.06
N HIS A 25 2.46 -5.71 1.50
CA HIS A 25 1.28 -5.92 0.67
C HIS A 25 1.29 -4.93 -0.49
N MET A 26 1.78 -3.72 -0.22
CA MET A 26 2.01 -2.65 -1.23
C MET A 26 3.09 -3.05 -2.25
N ASN A 27 4.16 -3.68 -1.77
CA ASN A 27 5.19 -4.24 -2.67
C ASN A 27 4.62 -5.32 -3.62
N VAL A 28 3.72 -6.16 -3.09
CA VAL A 28 3.04 -7.19 -3.91
C VAL A 28 2.11 -6.61 -5.02
N HIS A 29 1.86 -5.29 -4.98
CA HIS A 29 1.05 -4.63 -5.99
C HIS A 29 1.74 -4.72 -7.35
N ARG A 30 3.06 -4.94 -7.34
CA ARG A 30 3.91 -5.11 -8.54
C ARG A 30 3.99 -3.80 -9.35
N ARG A 31 4.71 -2.87 -8.73
CA ARG A 31 5.02 -1.55 -9.30
C ARG A 31 5.98 -1.66 -10.49
N ASP A 32 6.18 -0.52 -11.17
CA ASP A 32 7.06 -0.37 -12.36
C ASP A 32 6.51 -1.19 -13.54
N ARG A 33 5.51 -0.59 -14.18
CA ARG A 33 4.82 -1.18 -15.36
C ARG A 33 4.67 -0.14 -16.46
N ALA A 34 5.30 -0.44 -17.60
CA ALA A 34 5.40 0.38 -18.83
C ALA A 34 6.09 1.74 -18.65
N ARG A 35 5.52 2.55 -17.76
CA ARG A 35 6.01 3.88 -17.34
C ARG A 35 5.34 4.38 -16.05
N LEU A 36 4.01 4.27 -16.00
CA LEU A 36 3.17 4.79 -14.88
C LEU A 36 3.48 6.27 -14.52
N ARG A 37 2.89 6.72 -13.43
CA ARG A 37 3.15 8.07 -12.87
C ARG A 37 4.45 8.13 -12.04
N LEU A 38 4.64 7.15 -11.17
CA LEU A 38 5.78 7.07 -10.21
C LEU A 38 5.99 8.33 -9.34
N TRP A 2 0.64 16.07 7.74
CA TRP A 2 -0.38 15.04 7.79
C TRP A 2 -0.85 14.91 9.24
N PRO A 3 -2.19 14.90 9.45
CA PRO A 3 -2.82 14.72 10.78
C PRO A 3 -2.63 13.30 11.36
N PRO A 4 -2.84 13.12 12.68
CA PRO A 4 -2.85 11.78 13.33
C PRO A 4 -3.98 10.84 12.86
N ARG A 5 -5.03 11.43 12.29
CA ARG A 5 -6.13 10.75 11.58
C ARG A 5 -5.63 9.82 10.45
N SER A 6 -6.56 9.01 9.93
CA SER A 6 -6.34 8.12 8.78
C SER A 6 -5.57 8.75 7.61
N TYR A 7 -4.78 7.91 6.96
CA TYR A 7 -3.84 8.33 5.91
C TYR A 7 -4.22 7.77 4.54
N THR A 8 -4.02 8.61 3.53
CA THR A 8 -4.35 8.36 2.11
C THR A 8 -3.19 7.61 1.42
N CYS A 9 -3.49 6.88 0.33
CA CYS A 9 -2.48 6.10 -0.36
C CYS A 9 -2.09 6.83 -1.64
N SER A 10 -2.83 7.89 -1.98
CA SER A 10 -2.82 8.69 -3.24
C SER A 10 -3.47 7.94 -4.42
N PHE A 11 -2.98 6.73 -4.65
CA PHE A 11 -3.47 5.82 -5.70
C PHE A 11 -4.91 5.32 -5.48
N CYS A 12 -5.26 4.86 -4.28
CA CYS A 12 -6.65 4.50 -4.04
C CYS A 12 -7.34 5.68 -3.36
N LYS A 13 -6.67 6.84 -3.24
CA LYS A 13 -7.12 8.02 -2.45
C LYS A 13 -7.90 7.72 -1.14
N ARG A 14 -7.73 6.51 -0.62
CA ARG A 14 -8.52 6.00 0.52
C ARG A 14 -7.74 6.22 1.81
N GLU A 15 -8.50 6.68 2.80
CA GLU A 15 -7.98 6.94 4.16
C GLU A 15 -8.00 5.64 4.99
N PHE A 16 -6.82 5.28 5.45
CA PHE A 16 -6.61 4.08 6.29
C PHE A 16 -6.09 4.43 7.70
N ARG A 17 -6.57 3.66 8.66
CA ARG A 17 -6.22 3.79 10.09
C ARG A 17 -4.92 3.03 10.49
N SER A 18 -3.95 3.08 9.58
CA SER A 18 -2.65 2.39 9.76
C SER A 18 -1.50 3.14 9.06
N ALA A 19 -0.30 2.61 9.21
CA ALA A 19 0.92 3.14 8.52
C ALA A 19 1.61 2.06 7.66
N GLN A 20 2.12 1.02 8.32
CA GLN A 20 2.80 -0.11 7.63
C GLN A 20 1.92 -0.87 6.63
N ALA A 21 0.64 -1.02 6.97
CA ALA A 21 -0.37 -1.55 6.03
C ALA A 21 -0.44 -0.76 4.72
N LEU A 22 -0.21 0.55 4.80
CA LEU A 22 -0.24 1.49 3.66
C LEU A 22 1.04 1.47 2.82
N GLY A 23 2.20 1.48 3.49
CA GLY A 23 3.51 1.32 2.80
C GLY A 23 3.51 0.08 1.88
N GLY A 24 3.12 -1.03 2.51
CA GLY A 24 2.92 -2.33 1.81
C GLY A 24 1.78 -2.27 0.75
N HIS A 25 0.69 -1.58 1.09
CA HIS A 25 -0.50 -1.57 0.26
C HIS A 25 -0.25 -0.72 -0.99
N MET A 26 0.49 0.38 -0.81
CA MET A 26 0.95 1.26 -1.90
C MET A 26 1.95 0.54 -2.83
N ASN A 27 2.82 -0.28 -2.24
CA ASN A 27 3.70 -1.18 -3.02
C ASN A 27 2.90 -2.21 -3.85
N VAL A 28 1.73 -2.66 -3.37
CA VAL A 28 0.87 -3.55 -4.18
C VAL A 28 0.24 -2.88 -5.43
N HIS A 29 0.26 -1.54 -5.48
CA HIS A 29 -0.31 -0.78 -6.58
C HIS A 29 0.42 -1.11 -7.88
N ARG A 30 -0.14 -2.02 -8.67
CA ARG A 30 0.35 -2.39 -10.03
C ARG A 30 1.86 -2.75 -10.04
N ARG A 31 2.24 -3.56 -9.05
CA ARG A 31 3.64 -3.98 -8.87
C ARG A 31 3.74 -5.50 -8.61
N ASP A 32 4.95 -6.00 -8.81
CA ASP A 32 5.36 -7.42 -8.63
C ASP A 32 4.74 -8.34 -9.70
N ARG A 33 5.51 -8.54 -10.77
CA ARG A 33 5.12 -9.44 -11.88
C ARG A 33 6.15 -10.57 -12.05
N ALA A 34 5.87 -11.63 -11.30
CA ALA A 34 6.70 -12.86 -11.27
C ALA A 34 5.80 -14.10 -11.28
N ARG A 35 6.29 -15.17 -11.88
CA ARG A 35 5.55 -16.44 -11.96
C ARG A 35 6.48 -17.63 -11.63
N LEU A 36 6.51 -17.96 -10.34
CA LEU A 36 7.36 -19.04 -9.76
C LEU A 36 8.86 -18.92 -10.07
N ARG A 37 9.61 -18.48 -9.05
CA ARG A 37 11.09 -18.32 -9.16
C ARG A 37 11.84 -19.63 -9.46
N LEU A 38 11.63 -20.63 -8.60
CA LEU A 38 12.23 -21.98 -8.76
C LEU A 38 11.26 -23.11 -8.37
N TRP A 2 -1.69 12.30 5.61
CA TRP A 2 -0.89 11.23 6.19
C TRP A 2 -1.15 11.22 7.70
N PRO A 3 -2.13 10.41 8.14
CA PRO A 3 -2.53 10.27 9.56
C PRO A 3 -1.49 9.51 10.41
N PRO A 4 -1.49 9.68 11.75
CA PRO A 4 -0.60 8.93 12.65
C PRO A 4 -0.93 7.42 12.64
N ARG A 5 0.12 6.63 12.91
CA ARG A 5 0.09 5.15 12.87
C ARG A 5 -0.42 4.51 11.56
N SER A 6 -0.28 5.29 10.49
CA SER A 6 -0.81 4.96 9.16
C SER A 6 -0.03 5.76 8.10
N TYR A 7 0.22 5.09 7.01
CA TYR A 7 0.88 5.68 5.82
C TYR A 7 0.38 5.06 4.50
N THR A 8 0.78 5.75 3.44
CA THR A 8 0.38 5.51 2.03
C THR A 8 1.53 4.76 1.33
N CYS A 9 1.21 3.97 0.29
CA CYS A 9 2.20 3.17 -0.40
C CYS A 9 2.68 3.95 -1.63
N SER A 10 1.97 5.03 -1.96
CA SER A 10 2.07 5.88 -3.19
C SER A 10 1.50 5.19 -4.43
N PHE A 11 2.00 3.98 -4.67
CA PHE A 11 1.58 3.10 -5.77
C PHE A 11 0.12 2.62 -5.69
N CYS A 12 -0.37 2.24 -4.51
CA CYS A 12 -1.78 1.91 -4.39
C CYS A 12 -2.46 3.01 -3.59
N LYS A 13 -1.79 4.14 -3.33
CA LYS A 13 -2.26 5.22 -2.42
C LYS A 13 -3.13 4.82 -1.20
N ARG A 14 -2.93 3.58 -0.73
CA ARG A 14 -3.77 2.96 0.30
C ARG A 14 -3.05 3.02 1.66
N GLU A 15 -3.85 3.36 2.65
CA GLU A 15 -3.39 3.51 4.05
C GLU A 15 -3.30 2.19 4.82
N PHE A 16 -2.09 1.98 5.29
CA PHE A 16 -1.65 0.82 6.11
C PHE A 16 -1.34 1.24 7.54
N ARG A 17 -1.44 0.25 8.44
CA ARG A 17 -1.22 0.45 9.89
C ARG A 17 0.11 -0.17 10.39
N SER A 18 1.14 -0.06 9.56
CA SER A 18 2.45 -0.71 9.79
C SER A 18 3.55 -0.24 8.83
N ALA A 19 4.73 -0.04 9.40
CA ALA A 19 5.93 0.39 8.65
C ALA A 19 6.49 -0.68 7.68
N GLN A 20 6.83 -1.84 8.24
CA GLN A 20 7.36 -2.99 7.47
C GLN A 20 6.39 -3.59 6.44
N ALA A 21 5.15 -3.85 6.87
CA ALA A 21 4.08 -4.32 5.95
C ALA A 21 3.55 -3.24 4.97
N LEU A 22 4.14 -2.05 5.02
CA LEU A 22 3.99 -1.03 3.97
C LEU A 22 5.22 -1.01 3.04
N GLY A 23 6.43 -0.92 3.61
CA GLY A 23 7.70 -0.98 2.85
C GLY A 23 7.81 -2.28 2.00
N GLY A 24 7.53 -3.39 2.67
CA GLY A 24 7.44 -4.73 2.04
C GLY A 24 6.28 -4.81 1.03
N HIS A 25 5.15 -4.17 1.34
CA HIS A 25 3.98 -4.21 0.48
C HIS A 25 4.26 -3.41 -0.79
N MET A 26 4.99 -2.31 -0.64
CA MET A 26 5.50 -1.48 -1.76
C MET A 26 6.51 -2.23 -2.64
N ASN A 27 7.36 -3.03 -2.01
CA ASN A 27 8.31 -3.91 -2.72
C ASN A 27 7.60 -5.01 -3.53
N VAL A 28 6.49 -5.53 -3.02
CA VAL A 28 5.64 -6.50 -3.75
C VAL A 28 4.91 -5.91 -4.99
N HIS A 29 4.96 -4.58 -5.15
CA HIS A 29 4.38 -3.93 -6.31
C HIS A 29 5.09 -4.39 -7.58
N ARG A 30 4.51 -4.06 -8.73
CA ARG A 30 4.99 -4.44 -10.07
C ARG A 30 4.08 -3.83 -11.14
N ARG A 31 4.67 -3.02 -12.01
CA ARG A 31 3.98 -2.34 -13.14
C ARG A 31 2.84 -1.41 -12.68
N ASP A 32 2.37 -0.59 -13.59
CA ASP A 32 1.25 0.34 -13.33
C ASP A 32 -0.05 -0.19 -13.98
N ARG A 33 -1.08 -0.21 -13.14
CA ARG A 33 -2.46 -0.58 -13.50
C ARG A 33 -3.45 -0.05 -12.45
N ALA A 34 -4.69 0.12 -12.90
CA ALA A 34 -5.83 0.43 -12.01
C ALA A 34 -6.05 -0.70 -10.97
N ARG A 35 -7.07 -0.57 -10.13
CA ARG A 35 -7.43 -1.63 -9.17
C ARG A 35 -7.94 -2.91 -9.88
N LEU A 36 -9.07 -3.49 -9.42
CA LEU A 36 -9.60 -4.78 -9.92
C LEU A 36 -8.64 -5.97 -9.67
N ARG A 37 -8.24 -6.09 -8.41
CA ARG A 37 -7.40 -7.21 -7.94
C ARG A 37 -8.22 -8.51 -7.89
N LEU A 38 -7.53 -9.64 -8.03
CA LEU A 38 -8.13 -11.00 -8.07
C LEU A 38 -8.95 -11.28 -9.34
N TRP A 2 1.40 9.41 7.40
CA TRP A 2 1.61 8.12 8.04
C TRP A 2 0.81 8.11 9.33
N PRO A 3 -0.40 7.49 9.28
CA PRO A 3 -1.29 7.34 10.44
C PRO A 3 -0.73 6.36 11.50
N PRO A 4 -1.06 6.55 12.78
CA PRO A 4 -0.67 5.63 13.87
C PRO A 4 -1.41 4.28 13.83
N ARG A 5 -2.72 4.32 13.57
CA ARG A 5 -3.55 3.11 13.41
C ARG A 5 -3.45 2.58 11.98
N SER A 6 -2.99 1.34 11.87
CA SER A 6 -2.78 0.63 10.58
C SER A 6 -1.82 1.40 9.65
N TYR A 7 -1.33 0.69 8.64
CA TYR A 7 -0.52 1.32 7.58
C TYR A 7 -1.00 0.97 6.17
N THR A 8 -0.83 1.97 5.30
CA THR A 8 -1.13 1.90 3.86
C THR A 8 0.08 1.36 3.09
N CYS A 9 -0.22 0.70 1.96
CA CYS A 9 0.77 0.02 1.13
C CYS A 9 1.09 0.93 -0.06
N SER A 10 0.26 1.95 -0.29
CA SER A 10 0.21 2.90 -1.44
C SER A 10 -0.42 2.25 -2.69
N PHE A 11 0.15 1.11 -3.03
CA PHE A 11 -0.26 0.26 -4.16
C PHE A 11 -1.67 -0.37 -4.05
N CYS A 12 -2.08 -0.78 -2.84
CA CYS A 12 -3.46 -1.22 -2.65
C CYS A 12 -4.18 -0.15 -1.83
N LYS A 13 -3.54 0.99 -1.54
CA LYS A 13 -4.05 2.02 -0.59
C LYS A 13 -4.84 1.56 0.64
N ARG A 14 -4.61 0.29 1.01
CA ARG A 14 -5.35 -0.41 2.05
C ARG A 14 -4.57 -0.41 3.37
N GLU A 15 -5.34 -0.12 4.39
CA GLU A 15 -4.87 -0.02 5.78
C GLU A 15 -4.80 -1.41 6.43
N PHE A 16 -3.59 -1.78 6.82
CA PHE A 16 -3.33 -3.07 7.49
C PHE A 16 -2.84 -2.88 8.93
N ARG A 17 -3.33 -3.76 9.79
CA ARG A 17 -3.02 -3.78 11.23
C ARG A 17 -1.74 -4.60 11.55
N SER A 18 -0.70 -4.33 10.76
CA SER A 18 0.61 -5.00 10.86
C SER A 18 1.75 -4.14 10.28
N ALA A 19 2.96 -4.70 10.33
CA ALA A 19 4.17 -4.06 9.74
C ALA A 19 4.91 -5.01 8.77
N GLN A 20 5.40 -6.13 9.31
CA GLN A 20 6.12 -7.17 8.54
C GLN A 20 5.29 -7.79 7.39
N ALA A 21 4.01 -8.03 7.69
CA ALA A 21 3.01 -8.45 6.69
C ALA A 21 2.90 -7.48 5.50
N LEU A 22 3.17 -6.20 5.74
CA LEU A 22 3.08 -5.11 4.73
C LEU A 22 4.34 -4.95 3.88
N GLY A 23 5.51 -4.98 4.52
CA GLY A 23 6.81 -5.00 3.81
C GLY A 23 6.84 -6.14 2.77
N GLY A 24 6.45 -7.32 3.25
CA GLY A 24 6.26 -8.51 2.40
C GLY A 24 5.12 -8.36 1.37
N HIS A 25 4.02 -7.74 1.80
CA HIS A 25 2.82 -7.65 0.97
C HIS A 25 3.05 -6.66 -0.17
N MET A 26 3.77 -5.58 0.12
CA MET A 26 4.22 -4.56 -0.85
C MET A 26 5.20 -5.14 -1.89
N ASN A 27 6.06 -6.05 -1.42
CA ASN A 27 7.00 -6.79 -2.30
C ASN A 27 6.27 -7.76 -3.25
N VAL A 28 5.16 -8.35 -2.80
CA VAL A 28 4.30 -9.20 -3.66
C VAL A 28 3.56 -8.43 -4.79
N HIS A 29 3.55 -7.09 -4.71
CA HIS A 29 2.94 -6.26 -5.73
C HIS A 29 3.66 -6.47 -7.07
N ARG A 30 2.98 -6.11 -8.17
CA ARG A 30 3.54 -6.21 -9.55
C ARG A 30 2.65 -5.56 -10.64
N ARG A 31 2.33 -4.29 -10.42
CA ARG A 31 1.42 -3.57 -11.33
C ARG A 31 1.91 -2.17 -11.70
N ASP A 32 2.34 -2.05 -12.95
CA ASP A 32 2.77 -0.75 -13.51
C ASP A 32 1.59 0.15 -13.90
N ARG A 33 0.70 -0.40 -14.72
CA ARG A 33 -0.47 0.30 -15.32
C ARG A 33 -0.11 1.54 -16.14
N ALA A 34 -1.02 1.93 -17.04
CA ALA A 34 -0.83 3.14 -17.87
C ALA A 34 -1.76 4.27 -17.38
N ARG A 35 -1.47 4.69 -16.16
CA ARG A 35 -2.21 5.78 -15.49
C ARG A 35 -1.66 7.20 -15.74
N LEU A 36 -0.34 7.29 -15.90
CA LEU A 36 0.41 8.53 -16.19
C LEU A 36 0.20 9.60 -15.10
N ARG A 37 1.13 9.59 -14.13
CA ARG A 37 1.19 10.53 -12.98
C ARG A 37 -0.13 10.75 -12.19
N LEU A 38 -0.86 9.65 -11.99
CA LEU A 38 -2.18 9.64 -11.31
C LEU A 38 -2.47 8.36 -10.52
N TRP A 2 0.59 10.61 7.36
CA TRP A 2 0.89 9.27 7.85
C TRP A 2 0.58 9.23 9.35
N PRO A 3 -0.65 8.81 9.68
CA PRO A 3 -1.13 8.65 11.08
C PRO A 3 -0.49 7.44 11.79
N PRO A 4 -0.48 7.42 13.13
CA PRO A 4 0.03 6.27 13.92
C PRO A 4 -0.82 4.99 13.80
N ARG A 5 -2.14 5.15 13.96
CA ARG A 5 -3.15 4.08 13.82
C ARG A 5 -3.34 3.69 12.35
N SER A 6 -2.96 2.44 12.05
CA SER A 6 -2.93 1.89 10.66
C SER A 6 -2.07 2.74 9.71
N TYR A 7 -1.64 2.10 8.64
CA TYR A 7 -0.90 2.79 7.56
C TYR A 7 -1.38 2.42 6.15
N THR A 8 -1.29 3.40 5.26
CA THR A 8 -1.59 3.29 3.82
C THR A 8 -0.40 2.69 3.05
N CYS A 9 -0.72 2.00 1.95
CA CYS A 9 0.25 1.30 1.11
C CYS A 9 0.56 2.20 -0.09
N SER A 10 -0.28 3.19 -0.37
CA SER A 10 -0.31 4.09 -1.55
C SER A 10 -0.90 3.40 -2.79
N PHE A 11 -0.30 2.27 -3.16
CA PHE A 11 -0.80 1.41 -4.26
C PHE A 11 -2.24 0.91 -4.08
N CYS A 12 -2.64 0.57 -2.85
CA CYS A 12 -4.03 0.16 -2.67
C CYS A 12 -4.73 1.20 -1.80
N LYS A 13 -4.13 2.38 -1.58
CA LYS A 13 -4.61 3.41 -0.62
C LYS A 13 -5.34 2.92 0.67
N ARG A 14 -5.05 1.67 1.05
CA ARG A 14 -5.72 0.95 2.14
C ARG A 14 -4.91 0.98 3.43
N GLU A 15 -5.68 1.02 4.51
CA GLU A 15 -5.17 1.07 5.90
C GLU A 15 -4.95 -0.33 6.47
N PHE A 16 -3.69 -0.60 6.75
CA PHE A 16 -3.23 -1.82 7.44
C PHE A 16 -2.82 -1.56 8.88
N ARG A 17 -3.25 -2.48 9.74
CA ARG A 17 -2.95 -2.47 11.18
C ARG A 17 -1.68 -3.29 11.55
N SER A 18 -0.75 -3.37 10.60
CA SER A 18 0.43 -4.25 10.72
C SER A 18 1.67 -3.68 10.02
N ALA A 19 2.81 -3.83 10.69
CA ALA A 19 4.12 -3.36 10.20
C ALA A 19 4.64 -4.19 9.01
N GLN A 20 5.09 -5.42 9.29
CA GLN A 20 5.62 -6.36 8.27
C GLN A 20 4.57 -6.70 7.20
N ALA A 21 3.36 -7.06 7.62
CA ALA A 21 2.25 -7.36 6.70
C ALA A 21 1.72 -6.19 5.86
N LEU A 22 2.24 -4.98 6.10
CA LEU A 22 2.11 -3.85 5.16
C LEU A 22 3.37 -3.66 4.31
N GLY A 23 4.55 -3.57 4.95
CA GLY A 23 5.84 -3.39 4.25
C GLY A 23 6.05 -4.48 3.17
N GLY A 24 5.81 -5.72 3.61
CA GLY A 24 5.75 -6.91 2.73
C GLY A 24 4.59 -6.85 1.74
N HIS A 25 3.44 -6.31 2.14
CA HIS A 25 2.27 -6.28 1.26
C HIS A 25 2.52 -5.29 0.12
N MET A 26 3.22 -4.20 0.43
CA MET A 26 3.69 -3.19 -0.53
C MET A 26 4.70 -3.78 -1.53
N ASN A 27 5.61 -4.61 -1.03
CA ASN A 27 6.57 -5.35 -1.87
C ASN A 27 5.90 -6.41 -2.78
N VAL A 28 4.77 -6.97 -2.35
CA VAL A 28 3.97 -7.88 -3.20
C VAL A 28 3.31 -7.19 -4.43
N HIS A 29 3.27 -5.85 -4.42
CA HIS A 29 2.71 -5.09 -5.51
C HIS A 29 3.52 -5.33 -6.78
N ARG A 30 3.01 -6.18 -7.68
CA ARG A 30 3.54 -6.41 -9.05
C ARG A 30 2.73 -7.41 -9.89
N ARG A 31 1.56 -6.95 -10.34
CA ARG A 31 0.62 -7.69 -11.23
C ARG A 31 -0.63 -6.85 -11.52
N ASP A 32 -1.06 -6.87 -12.78
CA ASP A 32 -2.14 -6.01 -13.33
C ASP A 32 -2.01 -4.49 -13.06
N ARG A 33 -0.77 -4.09 -12.73
CA ARG A 33 -0.41 -2.72 -12.36
C ARG A 33 0.81 -2.30 -13.18
N ALA A 34 0.57 -1.33 -14.04
CA ALA A 34 1.56 -0.73 -14.97
C ALA A 34 1.01 0.60 -15.52
N ARG A 35 1.91 1.40 -16.12
CA ARG A 35 1.65 2.71 -16.76
C ARG A 35 1.38 3.84 -15.75
N LEU A 36 0.51 3.57 -14.78
CA LEU A 36 0.09 4.47 -13.68
C LEU A 36 -0.79 5.63 -14.17
N ARG A 37 -2.10 5.42 -14.09
CA ARG A 37 -3.10 6.42 -14.51
C ARG A 37 -3.30 7.47 -13.40
N LEU A 38 -2.42 8.47 -13.43
CA LEU A 38 -2.41 9.64 -12.53
C LEU A 38 -2.60 9.33 -11.02
N TRP A 2 0.63 14.76 8.59
CA TRP A 2 0.74 13.35 8.91
C TRP A 2 0.12 13.13 10.31
N PRO A 3 -1.22 13.22 10.40
CA PRO A 3 -1.97 13.06 11.67
C PRO A 3 -1.98 11.60 12.16
N PRO A 4 -2.37 11.36 13.43
CA PRO A 4 -2.60 9.98 13.95
C PRO A 4 -3.85 9.28 13.39
N ARG A 5 -4.83 10.07 12.94
CA ARG A 5 -6.04 9.64 12.21
C ARG A 5 -5.75 8.72 11.01
N SER A 6 -6.83 8.29 10.35
CA SER A 6 -6.78 7.49 9.11
C SER A 6 -5.99 8.20 7.99
N TYR A 7 -5.39 7.37 7.15
CA TYR A 7 -4.51 7.84 6.05
C TYR A 7 -5.03 7.41 4.67
N THR A 8 -4.78 8.28 3.70
CA THR A 8 -5.15 8.12 2.27
C THR A 8 -4.00 7.49 1.48
N CYS A 9 -4.35 6.83 0.37
CA CYS A 9 -3.42 6.08 -0.45
C CYS A 9 -3.09 6.94 -1.69
N SER A 10 -3.92 7.95 -1.97
CA SER A 10 -3.95 8.85 -3.15
C SER A 10 -4.57 8.16 -4.38
N PHE A 11 -4.02 6.99 -4.68
CA PHE A 11 -4.46 6.12 -5.79
C PHE A 11 -5.88 5.55 -5.64
N CYS A 12 -6.28 5.12 -4.43
CA CYS A 12 -7.67 4.73 -4.24
C CYS A 12 -8.36 5.79 -3.37
N LYS A 13 -7.72 6.95 -3.15
CA LYS A 13 -8.13 8.00 -2.19
C LYS A 13 -8.78 7.55 -0.85
N ARG A 14 -8.64 6.26 -0.54
CA ARG A 14 -9.31 5.60 0.60
C ARG A 14 -8.54 5.88 1.89
N GLU A 15 -9.31 5.88 2.97
CA GLU A 15 -8.84 6.19 4.32
C GLU A 15 -8.78 4.91 5.16
N PHE A 16 -7.56 4.62 5.58
CA PHE A 16 -7.23 3.39 6.34
C PHE A 16 -6.59 3.71 7.70
N ARG A 17 -6.76 2.76 8.59
CA ARG A 17 -6.34 2.82 10.03
C ARG A 17 -5.12 1.92 10.34
N SER A 18 -4.03 2.16 9.61
CA SER A 18 -2.78 1.36 9.71
C SER A 18 -1.56 2.07 9.11
N ALA A 19 -0.37 1.58 9.45
CA ALA A 19 0.90 2.10 8.89
C ALA A 19 1.77 1.04 8.17
N GLN A 20 1.13 -0.06 7.79
CA GLN A 20 1.79 -1.22 7.14
C GLN A 20 1.01 -1.75 5.93
N ALA A 21 -0.25 -2.10 6.20
CA ALA A 21 -1.26 -2.47 5.18
C ALA A 21 -1.33 -1.44 4.03
N LEU A 22 -1.18 -0.16 4.37
CA LEU A 22 -1.19 0.97 3.41
C LEU A 22 0.03 1.01 2.48
N GLY A 23 1.24 0.94 3.07
CA GLY A 23 2.51 0.91 2.28
C GLY A 23 2.50 -0.25 1.27
N GLY A 24 2.16 -1.43 1.79
CA GLY A 24 1.96 -2.64 0.98
C GLY A 24 0.84 -2.50 -0.07
N HIS A 25 -0.27 -1.89 0.35
CA HIS A 25 -1.46 -1.78 -0.50
C HIS A 25 -1.19 -0.76 -1.61
N MET A 26 -0.48 0.31 -1.29
CA MET A 26 -0.01 1.35 -2.22
C MET A 26 1.01 0.80 -3.24
N ASN A 27 1.87 -0.10 -2.77
CA ASN A 27 2.83 -0.83 -3.62
C ASN A 27 2.16 -1.80 -4.61
N VAL A 28 1.06 -2.43 -4.19
CA VAL A 28 0.26 -3.28 -5.11
C VAL A 28 -0.42 -2.49 -6.25
N HIS A 29 -0.52 -1.17 -6.12
CA HIS A 29 -1.13 -0.33 -7.14
C HIS A 29 -0.40 -0.53 -8.46
N ARG A 30 -1.15 -0.59 -9.56
CA ARG A 30 -0.62 -0.83 -10.93
C ARG A 30 0.41 -1.98 -11.04
N ARG A 31 0.39 -2.87 -10.05
CA ARG A 31 1.41 -3.91 -9.87
C ARG A 31 0.77 -5.30 -9.81
N ASP A 32 1.48 -6.20 -10.48
CA ASP A 32 1.09 -7.61 -10.71
C ASP A 32 2.24 -8.34 -11.41
N ARG A 33 2.18 -9.67 -11.29
CA ARG A 33 3.18 -10.63 -11.84
C ARG A 33 4.54 -10.49 -11.15
N ALA A 34 4.88 -11.56 -10.45
CA ALA A 34 6.13 -11.63 -9.66
C ALA A 34 7.12 -12.62 -10.30
N ARG A 35 8.40 -12.26 -10.21
CA ARG A 35 9.50 -13.08 -10.76
C ARG A 35 9.80 -14.33 -9.91
N LEU A 36 10.10 -14.10 -8.62
CA LEU A 36 10.52 -15.13 -7.63
C LEU A 36 11.38 -16.29 -8.21
N ARG A 37 12.54 -15.89 -8.75
CA ARG A 37 13.46 -16.81 -9.49
C ARG A 37 13.78 -18.11 -8.73
N LEU A 38 14.12 -17.97 -7.45
CA LEU A 38 14.33 -19.10 -6.50
C LEU A 38 14.51 -18.61 -5.05
N TRP A 2 -4.46 14.09 6.08
CA TRP A 2 -3.92 13.08 6.98
C TRP A 2 -4.66 13.21 8.32
N PRO A 3 -5.74 12.43 8.48
CA PRO A 3 -6.58 12.40 9.70
C PRO A 3 -5.87 11.69 10.88
N PRO A 4 -6.30 11.97 12.14
CA PRO A 4 -5.78 11.26 13.33
C PRO A 4 -6.11 9.76 13.31
N ARG A 5 -5.20 8.98 13.86
CA ARG A 5 -5.26 7.50 13.94
C ARG A 5 -5.56 6.77 12.62
N SER A 6 -5.00 7.31 11.54
CA SER A 6 -5.17 6.78 10.17
C SER A 6 -4.22 7.42 9.17
N TYR A 7 -3.80 6.60 8.21
CA TYR A 7 -2.95 7.01 7.08
C TYR A 7 -3.48 6.56 5.71
N THR A 8 -3.35 7.50 4.79
CA THR A 8 -3.79 7.38 3.38
C THR A 8 -2.68 6.71 2.56
N CYS A 9 -3.02 6.06 1.44
CA CYS A 9 -2.02 5.38 0.63
C CYS A 9 -1.72 6.25 -0.59
N SER A 10 -2.52 7.29 -0.82
CA SER A 10 -2.57 8.18 -2.02
C SER A 10 -3.20 7.49 -3.23
N PHE A 11 -2.62 6.36 -3.62
CA PHE A 11 -3.15 5.50 -4.71
C PHE A 11 -4.57 5.00 -4.50
N CYS A 12 -4.95 4.67 -3.25
CA CYS A 12 -6.33 4.25 -3.02
C CYS A 12 -7.01 5.31 -2.15
N LYS A 13 -6.40 6.48 -1.93
CA LYS A 13 -6.90 7.49 -0.97
C LYS A 13 -7.65 6.98 0.30
N ARG A 14 -7.34 5.74 0.67
CA ARG A 14 -8.05 5.01 1.74
C ARG A 14 -7.20 5.07 3.02
N GLU A 15 -7.92 5.44 4.06
CA GLU A 15 -7.40 5.63 5.42
C GLU A 15 -7.28 4.28 6.16
N PHE A 16 -6.04 3.99 6.51
CA PHE A 16 -5.68 2.78 7.28
C PHE A 16 -5.14 3.12 8.68
N ARG A 17 -5.62 2.34 9.64
CA ARG A 17 -5.15 2.38 11.04
C ARG A 17 -3.86 1.54 11.25
N SER A 18 -3.01 1.60 10.24
CA SER A 18 -1.82 0.74 10.11
C SER A 18 -0.60 1.52 9.58
N ALA A 19 0.56 0.94 9.84
CA ALA A 19 1.85 1.46 9.35
C ALA A 19 2.51 0.46 8.38
N GLN A 20 3.07 -0.62 8.92
CA GLN A 20 3.79 -1.66 8.15
C GLN A 20 2.89 -2.40 7.12
N ALA A 21 1.67 -2.74 7.54
CA ALA A 21 0.63 -3.31 6.64
C ALA A 21 0.26 -2.39 5.47
N LEU A 22 0.16 -1.08 5.75
CA LEU A 22 -0.16 -0.05 4.74
C LEU A 22 1.04 0.27 3.82
N GLY A 23 2.25 0.32 4.40
CA GLY A 23 3.52 0.45 3.64
C GLY A 23 3.68 -0.66 2.60
N GLY A 24 3.44 -1.90 3.06
CA GLY A 24 3.38 -3.08 2.16
C GLY A 24 2.29 -2.97 1.09
N HIS A 25 1.14 -2.40 1.48
CA HIS A 25 -0.04 -2.33 0.64
C HIS A 25 0.19 -1.32 -0.49
N MET A 26 0.90 -0.23 -0.16
CA MET A 26 1.37 0.77 -1.13
C MET A 26 2.35 0.18 -2.15
N ASN A 27 3.25 -0.67 -1.68
CA ASN A 27 4.20 -1.40 -2.54
C ASN A 27 3.56 -2.49 -3.41
N VAL A 28 2.39 -2.99 -3.00
CA VAL A 28 1.57 -3.88 -3.86
C VAL A 28 0.88 -3.16 -5.04
N HIS A 29 0.81 -1.82 -5.01
CA HIS A 29 0.20 -1.03 -6.06
C HIS A 29 0.93 -1.28 -7.38
N ARG A 30 0.41 -2.20 -8.19
CA ARG A 30 0.97 -2.63 -9.50
C ARG A 30 2.52 -2.77 -9.46
N ARG A 31 3.00 -3.37 -8.38
CA ARG A 31 4.43 -3.44 -8.06
C ARG A 31 4.71 -4.70 -7.25
N ASP A 32 5.97 -5.11 -7.28
CA ASP A 32 6.48 -6.40 -6.75
C ASP A 32 5.89 -7.57 -7.54
N ARG A 33 6.77 -8.55 -7.83
CA ARG A 33 6.48 -9.76 -8.65
C ARG A 33 6.22 -9.39 -10.13
N ALA A 34 5.18 -8.56 -10.32
CA ALA A 34 4.62 -8.10 -11.60
C ALA A 34 4.22 -9.29 -12.50
N ARG A 35 4.03 -9.03 -13.79
CA ARG A 35 3.83 -10.08 -14.80
C ARG A 35 5.13 -10.90 -15.02
N LEU A 36 5.43 -11.29 -16.26
CA LEU A 36 6.60 -12.11 -16.65
C LEU A 36 6.54 -13.52 -16.03
N ARG A 37 7.51 -14.34 -16.40
CA ARG A 37 7.68 -15.72 -15.91
C ARG A 37 9.07 -16.24 -16.25
N LEU A 38 9.90 -16.32 -15.20
CA LEU A 38 11.31 -16.79 -15.27
C LEU A 38 12.26 -15.86 -16.07
#